data_7F1O
#
_entry.id   7F1O
#
_cell.length_a   1.00
_cell.length_b   1.00
_cell.length_c   1.00
_cell.angle_alpha   90.00
_cell.angle_beta   90.00
_cell.angle_gamma   90.00
#
_symmetry.space_group_name_H-M   'P 1'
#
loop_
_entity.id
_entity.type
_entity.pdbx_description
1 polymer 'D(1A) dopamine receptor'
2 polymer 'Guanine nucleotide-binding protein G(s) subunit alpha isoforms short,Isoform Gnas-2 of Guanine nucleotide-binding protein G(s) subunit alpha isoforms short'
3 polymer 'Guanine nucleotide-binding protein G(I)/G(S)/G(T) subunit beta-1'
4 polymer 'Guanine nucleotide-binding protein G(I)/G(S)/G(O) subunit gamma-2'
5 polymer 'Nanobody 35'
6 non-polymer L-DOPAMINE
7 non-polymer 'MAGNESIUM ION'
8 non-polymer "GUANOSINE-5'-DIPHOSPHATE"
#
loop_
_entity_poly.entity_id
_entity_poly.type
_entity_poly.pdbx_seq_one_letter_code
_entity_poly.pdbx_strand_id
1 'polypeptide(L)'
;MKTIIALSYIFCLVFADYKDDDDASIDMRTLNTSAMDGTGLVVERDFSVRILTACFLSLLILSTLLGNTLVCAAVIRFRH
LRSKVTNFFVISLAVSDLLVAVLVMPWKAVAEIAGFWPFGSFCNIWVAFDIMCSTASILNLCVISVDRYWAISSPFRYER
KMTPKAAFILISVAWTLSVLISFIPVQLSWHKAKPTSPSDGNATSLAETIDNCDSSLSRTYAISSSVISFYIPVAIMIVT
YTRIYRIAQKQIRRIAALERAAVHAKNCQTTTGNGKPVECSQPESSFKMSFKRETKVLKTLSVIMGVFVCCWLPFFILNC
ILPFCGSGETQPFCIDSNTFDVFVWFGWANSSLNPIIYAFNADFRKAFSTLLGCYRLCPATNNAIETVSINNNGAAMFSS
HHEPRGSISKECNLVYLIPHAVGSSEDLKKEEAAGIARPLEKLSPALSVILDYDTDVSLEKIQPITQNGQHPT
;
F
2 'polypeptide(L)'
;NSKTEDQRNEEKAQREANKKIEKQLQKDKQVYRATHRLLLLGADNSGKSTIVKQMRILHGGSGGSGGTSGIFETKFQVDK
VNFHMFDVGGQRDERRKWIQCFNDVTAIIFVVDSSDYNRLQEALNLFKSIWNNRWLRTISVILFLNKQDLLAEKVLAGKS
KIEDYFPEFARYTTPEDATPEPGEDPRVTRAKYFIRDEFLRISTASGDGRHYCYPHFTCAVDTENARRIFNDCRDIIQRM
HLRQYELL
;
A
3 'polypeptide(L)'
;HHHHHHLEVLFQGPGSSGSELDQLRQEAEQLKNQIRDARKACADATLSQITNNIDPVGRIQMRTRRTLRGHLAKIYAMHW
GTDSRLLVSASQDGKLIIWDSYTTNKVHAIPLRSSWVMTCAYAPSGNYVACGGLDNICSIYNLKTREGNVRVSRELAGHT
GYLSCCRFLDDNQIVTSSGDTTCALWDIETGQQTTTFTGHTGDVMSLSLAPDTRLFVSGACDASAKLWDVREGMCRQTFT
GHESDINAICFFPNGNAFATGSDDATCRLFDLRADQELMTYSHDNIICGITSVSFSKSGRLLLAGYDDFNCNVWDALKAD
RAGVLAGHDNRVSCLGVTDDGMAVATGSWDSFLKIWN
;
B
4 'polypeptide(L)' MASNNTASIAQARKLVEQLKMEANIDRIKVSKAAADLMAYCEAHAKEDPLLTPVPASENPFREKKFFSAIL D
5 'polypeptide(L)'
;MKYLLPTAAAGLLLLAAQPAMAQVQLQESGGGLVQPGGSLRLSCAASGFTFSNYKMNWVRQAPGKGLEWVSDISQSGASI
SYTGSVKGRFTISRDNAKNTLYLQMNSLKPEDTAVYYCARCPAPFTRDCFDVTSTTYAYRGQGTQVTVSSHHHHHHEPEA
;
E
#
# COMPACT_ATOMS: atom_id res chain seq x y z
N PHE A 47 -34.20 49.69 -2.26
CA PHE A 47 -33.45 50.25 -3.37
C PHE A 47 -32.49 49.23 -3.97
N SER A 48 -32.11 49.47 -5.23
CA SER A 48 -31.19 48.60 -5.94
C SER A 48 -29.93 48.31 -5.14
N VAL A 49 -29.27 49.37 -4.64
CA VAL A 49 -28.07 49.15 -3.83
C VAL A 49 -28.41 48.40 -2.55
N ARG A 50 -29.56 48.71 -1.93
CA ARG A 50 -29.86 48.07 -0.65
C ARG A 50 -30.12 46.58 -0.84
N ILE A 51 -30.89 46.23 -1.88
CA ILE A 51 -31.18 44.82 -2.13
C ILE A 51 -29.91 44.10 -2.56
N LEU A 52 -29.01 44.81 -3.26
CA LEU A 52 -27.73 44.21 -3.64
C LEU A 52 -26.88 43.91 -2.41
N THR A 53 -26.81 44.85 -1.47
CA THR A 53 -26.12 44.58 -0.22
C THR A 53 -26.76 43.39 0.48
N ALA A 54 -28.08 43.31 0.43
CA ALA A 54 -28.78 42.21 1.08
C ALA A 54 -28.38 40.88 0.47
N CYS A 55 -28.38 40.81 -0.86
CA CYS A 55 -28.08 39.54 -1.52
C CYS A 55 -26.62 39.16 -1.31
N PHE A 56 -25.70 40.13 -1.38
CA PHE A 56 -24.30 39.81 -1.14
C PHE A 56 -24.06 39.33 0.28
N LEU A 57 -24.72 39.95 1.26
CA LEU A 57 -24.56 39.52 2.65
C LEU A 57 -25.14 38.13 2.86
N SER A 58 -26.29 37.86 2.25
CA SER A 58 -26.87 36.54 2.35
C SER A 58 -25.95 35.51 1.71
N LEU A 59 -25.32 35.87 0.60
CA LEU A 59 -24.37 34.97 -0.03
C LEU A 59 -23.18 34.71 0.87
N LEU A 60 -22.70 35.74 1.58
CA LEU A 60 -21.58 35.55 2.49
C LEU A 60 -21.93 34.60 3.62
N ILE A 61 -23.08 34.82 4.25
CA ILE A 61 -23.52 33.94 5.33
C ILE A 61 -23.68 32.52 4.81
N LEU A 62 -24.34 32.36 3.66
CA LEU A 62 -24.58 31.03 3.14
C LEU A 62 -23.29 30.33 2.75
N SER A 63 -22.32 31.08 2.23
CA SER A 63 -21.05 30.47 1.85
C SER A 63 -20.26 30.03 3.07
N THR A 64 -20.16 30.89 4.08
CA THR A 64 -19.51 30.50 5.33
C THR A 64 -20.16 29.26 5.90
N LEU A 65 -21.49 29.29 6.07
CA LEU A 65 -22.19 28.18 6.68
C LEU A 65 -21.97 26.90 5.87
N LEU A 66 -22.10 26.97 4.55
CA LEU A 66 -21.98 25.76 3.73
C LEU A 66 -20.58 25.17 3.80
N GLY A 67 -19.55 25.99 3.59
CA GLY A 67 -18.19 25.48 3.64
C GLY A 67 -17.86 24.87 4.99
N ASN A 68 -18.21 25.58 6.07
CA ASN A 68 -17.80 25.10 7.38
C ASN A 68 -18.63 23.90 7.82
N THR A 69 -19.92 23.86 7.50
CA THR A 69 -20.69 22.67 7.85
C THR A 69 -20.25 21.49 6.99
N LEU A 70 -19.73 21.75 5.79
CA LEU A 70 -19.21 20.65 4.98
C LEU A 70 -17.97 20.08 5.61
N VAL A 71 -17.07 20.93 6.08
CA VAL A 71 -15.88 20.44 6.78
C VAL A 71 -16.29 19.67 8.03
N CYS A 72 -17.19 20.23 8.83
CA CYS A 72 -17.59 19.57 10.06
C CYS A 72 -18.26 18.22 9.79
N ALA A 73 -19.06 18.14 8.72
CA ALA A 73 -19.72 16.88 8.40
C ALA A 73 -18.72 15.85 7.88
N ALA A 74 -17.83 16.26 6.98
CA ALA A 74 -16.82 15.32 6.50
C ALA A 74 -15.95 14.81 7.63
N VAL A 75 -15.77 15.60 8.68
CA VAL A 75 -15.00 15.12 9.82
C VAL A 75 -15.82 14.18 10.69
N ILE A 76 -17.04 14.57 11.05
CA ILE A 76 -17.82 13.77 11.98
C ILE A 76 -18.20 12.43 11.37
N ARG A 77 -18.53 12.42 10.07
CA ARG A 77 -18.98 11.17 9.46
C ARG A 77 -17.82 10.21 9.25
N PHE A 78 -16.67 10.72 8.81
CA PHE A 78 -15.54 9.88 8.41
C PHE A 78 -14.50 9.91 9.52
N ARG A 79 -14.24 8.77 10.14
CA ARG A 79 -13.26 8.71 11.21
C ARG A 79 -11.84 8.70 10.69
N HIS A 80 -11.61 8.37 9.42
CA HIS A 80 -10.26 8.40 8.88
C HIS A 80 -9.76 9.81 8.59
N LEU A 81 -10.63 10.82 8.67
CA LEU A 81 -10.16 12.21 8.64
C LEU A 81 -9.86 12.73 10.03
N ARG A 82 -10.55 12.21 11.03
CA ARG A 82 -10.36 12.56 12.43
C ARG A 82 -9.13 11.88 13.02
N SER A 83 -8.47 11.02 12.24
CA SER A 83 -7.39 10.20 12.76
C SER A 83 -6.17 11.03 13.14
N LYS A 84 -5.79 11.99 12.32
CA LYS A 84 -4.55 12.71 12.54
C LYS A 84 -4.72 13.73 13.66
N VAL A 85 -3.71 14.59 13.82
CA VAL A 85 -3.75 15.59 14.87
C VAL A 85 -3.95 16.97 14.29
N THR A 86 -3.22 17.28 13.20
CA THR A 86 -3.45 18.53 12.47
C THR A 86 -4.92 18.68 12.09
N ASN A 87 -5.60 17.56 11.85
CA ASN A 87 -7.02 17.62 11.56
C ASN A 87 -7.82 18.07 12.77
N PHE A 88 -7.41 17.74 13.99
CA PHE A 88 -8.10 18.30 15.15
C PHE A 88 -8.11 19.82 15.06
N PHE A 89 -6.96 20.43 14.77
CA PHE A 89 -6.90 21.88 14.69
C PHE A 89 -7.74 22.41 13.54
N VAL A 90 -7.77 21.68 12.42
CA VAL A 90 -8.60 22.13 11.31
C VAL A 90 -10.09 22.08 11.68
N ILE A 91 -10.50 21.07 12.46
CA ILE A 91 -11.88 21.02 12.91
C ILE A 91 -12.17 22.17 13.85
N SER A 92 -11.24 22.49 14.75
CA SER A 92 -11.43 23.63 15.63
C SER A 92 -11.63 24.90 14.81
N LEU A 93 -10.82 25.10 13.78
CA LEU A 93 -10.97 26.29 12.94
C LEU A 93 -12.33 26.30 12.27
N ALA A 94 -12.74 25.17 11.70
CA ALA A 94 -14.02 25.10 11.01
C ALA A 94 -15.17 25.40 11.96
N VAL A 95 -15.10 24.90 13.19
CA VAL A 95 -16.15 25.16 14.17
C VAL A 95 -16.15 26.63 14.56
N SER A 96 -14.98 27.21 14.73
CA SER A 96 -14.90 28.64 15.00
C SER A 96 -15.56 29.45 13.91
N ASP A 97 -15.33 29.07 12.65
CA ASP A 97 -15.91 29.86 11.57
C ASP A 97 -17.41 29.65 11.45
N LEU A 98 -17.88 28.43 11.72
CA LEU A 98 -19.32 28.22 11.73
C LEU A 98 -19.99 29.03 12.84
N LEU A 99 -19.33 29.15 13.98
CA LEU A 99 -19.84 30.04 15.02
C LEU A 99 -19.84 31.48 14.55
N VAL A 100 -18.73 31.93 13.95
CA VAL A 100 -18.70 33.27 13.36
C VAL A 100 -19.94 33.50 12.55
N ALA A 101 -20.18 32.64 11.57
CA ALA A 101 -21.35 32.81 10.70
C ALA A 101 -22.63 32.86 11.52
N VAL A 102 -22.99 31.74 12.15
CA VAL A 102 -24.35 31.61 12.67
C VAL A 102 -24.62 32.59 13.79
N LEU A 103 -23.61 32.91 14.60
CA LEU A 103 -23.81 33.81 15.73
C LEU A 103 -23.68 35.26 15.30
N VAL A 104 -22.59 35.65 14.66
CA VAL A 104 -22.29 37.05 14.50
C VAL A 104 -22.85 37.61 13.20
N MET A 105 -22.71 36.89 12.07
CA MET A 105 -22.93 37.56 10.78
C MET A 105 -24.38 37.96 10.55
N PRO A 106 -25.38 37.10 10.70
CA PRO A 106 -26.74 37.48 10.26
C PRO A 106 -27.29 38.68 10.98
N TRP A 107 -27.06 38.81 12.28
CA TRP A 107 -27.58 39.97 12.99
C TRP A 107 -26.95 41.26 12.48
N LYS A 108 -25.65 41.25 12.23
CA LYS A 108 -25.04 42.45 11.70
C LYS A 108 -25.55 42.74 10.30
N ALA A 109 -25.79 41.69 9.50
CA ALA A 109 -26.34 41.88 8.17
C ALA A 109 -27.74 42.46 8.21
N VAL A 110 -28.57 41.97 9.13
CA VAL A 110 -29.92 42.50 9.28
C VAL A 110 -29.86 43.97 9.70
N ALA A 111 -29.02 44.29 10.68
CA ALA A 111 -28.90 45.68 11.09
C ALA A 111 -28.36 46.54 9.97
N GLU A 112 -27.56 45.97 9.07
CA GLU A 112 -27.02 46.76 7.97
C GLU A 112 -28.08 47.00 6.90
N ILE A 113 -28.95 46.02 6.66
CA ILE A 113 -30.01 46.19 5.66
C ILE A 113 -31.10 47.10 6.19
N ALA A 114 -31.69 46.74 7.34
CA ALA A 114 -32.80 47.51 7.87
C ALA A 114 -32.36 48.90 8.30
N GLY A 115 -31.09 49.06 8.67
CA GLY A 115 -30.55 50.33 9.09
C GLY A 115 -30.63 50.59 10.59
N PHE A 116 -31.58 49.97 11.28
CA PHE A 116 -31.73 50.12 12.72
C PHE A 116 -31.54 48.76 13.38
N TRP A 117 -30.93 48.74 14.53
CA TRP A 117 -30.70 47.49 15.23
C TRP A 117 -31.99 47.02 15.90
N PRO A 118 -32.64 45.99 15.40
CA PRO A 118 -33.96 45.60 15.91
C PRO A 118 -33.93 44.61 17.07
N PHE A 119 -32.80 44.38 17.72
CA PHE A 119 -32.73 43.37 18.75
C PHE A 119 -32.50 43.93 20.14
N GLY A 120 -31.98 45.15 20.25
CA GLY A 120 -31.90 45.83 21.52
C GLY A 120 -31.02 45.12 22.54
N SER A 121 -31.63 44.72 23.64
CA SER A 121 -30.92 44.15 24.79
C SER A 121 -30.06 42.95 24.42
N PHE A 122 -30.26 42.37 23.25
CA PHE A 122 -29.41 41.27 22.80
C PHE A 122 -27.97 41.72 22.58
N CYS A 123 -27.77 42.92 22.04
CA CYS A 123 -26.56 43.17 21.28
C CYS A 123 -25.32 43.30 22.13
N ASN A 124 -25.46 43.69 23.40
CA ASN A 124 -24.32 43.56 24.31
C ASN A 124 -23.70 42.17 24.17
N ILE A 125 -24.48 41.13 24.47
CA ILE A 125 -24.08 39.76 24.19
C ILE A 125 -23.47 39.66 22.81
N TRP A 126 -24.18 40.17 21.80
CA TRP A 126 -23.69 40.08 20.43
C TRP A 126 -22.28 40.59 20.29
N VAL A 127 -22.00 41.80 20.77
CA VAL A 127 -20.66 42.33 20.53
C VAL A 127 -19.63 41.43 21.19
N ALA A 128 -19.93 40.93 22.40
CA ALA A 128 -19.06 39.94 23.01
C ALA A 128 -18.87 38.75 22.09
N PHE A 129 -19.98 38.15 21.66
CA PHE A 129 -19.92 37.05 20.71
C PHE A 129 -18.99 37.37 19.56
N ASP A 130 -19.13 38.56 18.97
CA ASP A 130 -18.26 38.91 17.87
C ASP A 130 -16.80 38.75 18.26
N ILE A 131 -16.36 39.44 19.30
CA ILE A 131 -14.95 39.38 19.66
C ILE A 131 -14.48 37.96 19.92
N MET A 132 -15.37 37.11 20.42
CA MET A 132 -14.92 35.76 20.71
C MET A 132 -14.70 35.04 19.42
N CYS A 133 -15.69 35.07 18.55
CA CYS A 133 -15.62 34.24 17.39
C CYS A 133 -14.47 34.73 16.52
N SER A 134 -14.33 36.05 16.36
CA SER A 134 -13.20 36.53 15.58
C SER A 134 -11.86 36.18 16.23
N THR A 135 -11.74 36.34 17.54
CA THR A 135 -10.52 35.86 18.18
C THR A 135 -10.43 34.34 18.24
N ALA A 136 -11.55 33.62 18.15
CA ALA A 136 -11.40 32.19 18.02
C ALA A 136 -10.93 31.79 16.63
N SER A 137 -11.06 32.67 15.63
CA SER A 137 -10.56 32.34 14.30
C SER A 137 -9.07 32.58 14.19
N ILE A 138 -8.63 33.82 14.38
CA ILE A 138 -7.22 34.17 14.20
C ILE A 138 -6.35 33.27 15.05
N LEU A 139 -6.61 33.25 16.36
CA LEU A 139 -5.91 32.34 17.25
C LEU A 139 -5.77 30.96 16.64
N ASN A 140 -6.89 30.36 16.20
CA ASN A 140 -6.82 29.02 15.66
C ASN A 140 -5.85 28.92 14.50
N LEU A 141 -5.92 29.88 13.57
CA LEU A 141 -4.93 29.92 12.50
C LEU A 141 -3.52 29.85 13.06
N CYS A 142 -3.21 30.74 14.00
CA CYS A 142 -1.91 30.70 14.66
C CYS A 142 -1.56 29.29 15.08
N VAL A 143 -2.45 28.64 15.84
CA VAL A 143 -2.18 27.28 16.28
C VAL A 143 -1.82 26.39 15.11
N ILE A 144 -2.68 26.36 14.08
CA ILE A 144 -2.40 25.50 12.93
C ILE A 144 -1.02 25.81 12.37
N SER A 145 -0.70 27.09 12.21
CA SER A 145 0.62 27.44 11.73
C SER A 145 1.71 26.84 12.60
N VAL A 146 1.65 27.13 13.91
CA VAL A 146 2.63 26.54 14.82
C VAL A 146 2.67 25.05 14.66
N ASP A 147 1.50 24.42 14.56
CA ASP A 147 1.46 22.98 14.37
C ASP A 147 2.34 22.57 13.19
N ARG A 148 2.08 23.13 12.02
CA ARG A 148 2.87 22.76 10.85
C ARG A 148 4.35 22.94 11.10
N TYR A 149 4.73 24.02 11.78
CA TYR A 149 6.15 24.26 12.01
C TYR A 149 6.78 23.12 12.77
N TRP A 150 6.14 22.67 13.85
CA TRP A 150 6.73 21.59 14.64
C TRP A 150 6.86 20.33 13.81
N ALA A 151 6.00 20.13 12.83
CA ALA A 151 6.03 18.95 12.00
C ALA A 151 6.94 19.10 10.80
N ILE A 152 7.66 20.21 10.69
CA ILE A 152 8.61 20.36 9.60
C ILE A 152 9.99 20.72 10.14
N SER A 153 10.04 21.34 11.30
CA SER A 153 11.32 21.67 11.91
C SER A 153 11.85 20.61 12.85
N SER A 154 10.98 19.71 13.30
CA SER A 154 11.39 18.65 14.24
C SER A 154 10.44 17.48 14.10
N PRO A 155 10.60 16.68 13.04
CA PRO A 155 9.63 15.63 12.77
C PRO A 155 9.63 14.55 13.83
N PHE A 156 10.80 14.18 14.34
CA PHE A 156 10.87 13.16 15.38
C PHE A 156 10.23 13.66 16.68
N ARG A 157 10.69 14.82 17.17
CA ARG A 157 10.09 15.40 18.36
C ARG A 157 8.59 15.54 18.19
N TYR A 158 8.14 15.93 17.00
CA TYR A 158 6.71 16.05 16.75
C TYR A 158 6.03 14.70 16.95
N GLU A 159 6.51 13.67 16.27
CA GLU A 159 5.80 12.40 16.37
C GLU A 159 5.82 11.87 17.80
N ARG A 160 6.75 12.32 18.62
CA ARG A 160 6.77 11.82 19.99
C ARG A 160 5.88 12.65 20.91
N LYS A 161 6.08 13.96 20.94
CA LYS A 161 5.44 14.77 21.97
C LYS A 161 4.02 15.19 21.62
N MET A 162 3.72 15.47 20.36
CA MET A 162 2.36 15.93 20.05
C MET A 162 1.41 14.74 20.04
N THR A 163 0.91 14.41 21.19
CA THR A 163 -0.12 13.41 21.42
C THR A 163 -1.48 14.10 21.53
N PRO A 164 -2.57 13.44 21.16
CA PRO A 164 -3.89 14.09 21.19
C PRO A 164 -4.17 14.88 22.45
N LYS A 165 -3.50 14.54 23.56
CA LYS A 165 -3.61 15.36 24.76
C LYS A 165 -3.04 16.76 24.53
N ALA A 166 -1.89 16.85 23.87
CA ALA A 166 -1.33 18.17 23.57
C ALA A 166 -2.16 18.91 22.55
N ALA A 167 -2.76 18.19 21.59
CA ALA A 167 -3.66 18.84 20.65
C ALA A 167 -4.85 19.46 21.39
N PHE A 168 -5.44 18.70 22.31
CA PHE A 168 -6.56 19.23 23.06
C PHE A 168 -6.14 20.36 23.97
N ILE A 169 -4.93 20.33 24.51
CA ILE A 169 -4.49 21.43 25.35
C ILE A 169 -4.35 22.70 24.52
N LEU A 170 -3.81 22.58 23.31
CA LEU A 170 -3.67 23.76 22.46
C LEU A 170 -5.03 24.31 22.03
N ILE A 171 -5.94 23.42 21.59
CA ILE A 171 -7.28 23.86 21.22
C ILE A 171 -7.97 24.54 22.40
N SER A 172 -7.81 23.97 23.60
CA SER A 172 -8.42 24.58 24.77
C SER A 172 -7.84 25.95 25.04
N VAL A 173 -6.51 26.10 24.92
CA VAL A 173 -5.90 27.40 25.15
C VAL A 173 -6.44 28.43 24.17
N ALA A 174 -6.51 28.08 22.90
CA ALA A 174 -7.04 29.02 21.91
C ALA A 174 -8.46 29.43 22.26
N TRP A 175 -9.36 28.45 22.42
CA TRP A 175 -10.76 28.78 22.64
C TRP A 175 -10.98 29.50 23.96
N THR A 176 -10.23 29.13 25.00
CA THR A 176 -10.43 29.76 26.30
C THR A 176 -9.83 31.16 26.34
N LEU A 177 -8.73 31.40 25.63
CA LEU A 177 -8.26 32.77 25.50
C LEU A 177 -9.30 33.61 24.79
N SER A 178 -9.91 33.06 23.74
CA SER A 178 -10.96 33.79 23.05
C SER A 178 -12.10 34.14 23.99
N VAL A 179 -12.69 33.12 24.64
CA VAL A 179 -13.86 33.34 25.50
C VAL A 179 -13.53 34.33 26.60
N LEU A 180 -12.38 34.17 27.25
CA LEU A 180 -11.99 35.10 28.30
C LEU A 180 -11.93 36.51 27.74
N ILE A 181 -11.04 36.75 26.77
CA ILE A 181 -10.77 38.11 26.31
C ILE A 181 -12.02 38.75 25.73
N SER A 182 -12.98 37.96 25.26
CA SER A 182 -14.21 38.54 24.74
C SER A 182 -15.19 38.86 25.86
N PHE A 183 -15.69 37.83 26.53
CA PHE A 183 -16.81 38.03 27.44
C PHE A 183 -16.40 38.84 28.67
N ILE A 184 -15.27 38.48 29.30
CA ILE A 184 -14.96 39.05 30.61
C ILE A 184 -14.88 40.56 30.59
N PRO A 185 -14.23 41.21 29.62
CA PRO A 185 -14.24 42.68 29.63
C PRO A 185 -15.56 43.28 29.17
N VAL A 186 -16.40 42.52 28.48
CA VAL A 186 -17.70 43.04 28.06
C VAL A 186 -18.65 43.12 29.24
N GLN A 187 -18.91 41.96 29.88
CA GLN A 187 -19.85 41.93 30.99
C GLN A 187 -19.42 42.85 32.12
N LEU A 188 -18.14 43.16 32.22
CA LEU A 188 -17.65 44.14 33.18
C LEU A 188 -17.58 45.53 32.57
N SER A 189 -18.08 45.71 31.35
CA SER A 189 -18.19 47.03 30.74
C SER A 189 -16.84 47.74 30.70
N TRP A 190 -15.79 47.01 30.31
CA TRP A 190 -14.51 47.65 30.09
C TRP A 190 -14.28 48.00 28.63
N HIS A 191 -15.07 47.44 27.72
CA HIS A 191 -14.82 47.67 26.31
C HIS A 191 -15.36 48.99 25.84
N LYS A 192 -16.32 49.56 26.55
CA LYS A 192 -16.91 50.83 26.16
C LYS A 192 -16.16 51.97 26.83
N ALA A 193 -15.95 53.03 26.06
CA ALA A 193 -15.17 54.16 26.54
C ALA A 193 -16.03 55.02 27.46
N ASN A 212 -30.15 51.64 17.21
CA ASN A 212 -28.77 51.20 17.06
C ASN A 212 -28.05 51.16 18.39
N CYS A 213 -27.19 50.16 18.57
CA CYS A 213 -26.45 50.01 19.81
C CYS A 213 -24.96 50.14 19.55
N ASP A 214 -24.31 50.98 20.35
CA ASP A 214 -22.91 51.30 20.17
C ASP A 214 -22.04 50.07 20.35
N SER A 215 -21.01 49.96 19.52
CA SER A 215 -19.98 48.94 19.67
C SER A 215 -18.58 49.52 19.65
N SER A 216 -18.44 50.83 19.72
CA SER A 216 -17.12 51.46 19.66
C SER A 216 -16.30 51.15 20.92
N LEU A 217 -15.30 50.29 20.75
CA LEU A 217 -14.43 49.80 21.79
C LEU A 217 -13.59 50.91 22.41
N SER A 218 -13.36 50.81 23.71
CA SER A 218 -12.56 51.77 24.46
C SER A 218 -11.13 51.84 23.93
N ARG A 219 -10.50 52.98 24.14
CA ARG A 219 -9.20 53.22 23.52
C ARG A 219 -8.16 52.22 24.02
N THR A 220 -8.35 51.71 25.21
CA THR A 220 -7.42 50.70 25.64
C THR A 220 -7.89 49.30 25.35
N TYR A 221 -9.17 49.00 25.46
CA TYR A 221 -9.52 47.63 25.25
C TYR A 221 -9.16 47.49 23.88
N ALA A 222 -9.37 48.45 23.06
CA ALA A 222 -9.11 48.16 21.70
C ALA A 222 -7.75 47.86 21.46
N ILE A 223 -6.82 48.68 21.84
CA ILE A 223 -5.47 48.35 21.46
C ILE A 223 -5.06 47.04 22.10
N SER A 224 -5.41 46.74 23.34
CA SER A 224 -4.98 45.48 23.89
C SER A 224 -5.56 44.28 23.28
N SER A 225 -6.82 44.29 23.01
CA SER A 225 -7.30 43.08 22.48
C SER A 225 -6.79 42.98 21.15
N SER A 226 -6.57 44.10 20.49
CA SER A 226 -6.19 44.00 19.11
C SER A 226 -4.96 43.33 19.19
N VAL A 227 -4.04 43.72 20.07
CA VAL A 227 -2.76 43.05 20.04
C VAL A 227 -2.96 41.66 20.28
N ILE A 228 -3.59 41.21 21.35
CA ILE A 228 -3.59 39.78 21.51
C ILE A 228 -4.06 39.13 20.25
N SER A 229 -5.26 39.37 19.86
CA SER A 229 -5.62 38.59 18.76
C SER A 229 -4.83 38.76 17.47
N PHE A 230 -4.86 39.92 16.92
CA PHE A 230 -4.25 39.92 15.60
C PHE A 230 -2.92 39.78 15.68
N TYR A 231 -2.34 40.47 16.58
CA TYR A 231 -0.93 40.47 16.43
C TYR A 231 -0.17 39.30 16.91
N ILE A 232 -0.72 38.60 17.87
CA ILE A 232 0.10 37.56 18.32
C ILE A 232 -0.07 36.61 17.24
N PRO A 233 -1.30 36.47 16.84
CA PRO A 233 -1.19 35.60 15.74
C PRO A 233 -0.36 36.02 14.56
N VAL A 234 -0.27 37.23 14.09
CA VAL A 234 0.54 37.51 12.95
C VAL A 234 1.96 37.31 13.23
N ALA A 235 2.47 37.68 14.35
CA ALA A 235 3.85 37.38 14.54
C ALA A 235 4.13 35.93 14.60
N ILE A 236 3.31 35.15 15.21
CA ILE A 236 3.67 33.79 15.19
C ILE A 236 3.54 33.30 13.77
N MET A 237 2.54 33.66 13.02
CA MET A 237 2.45 33.14 11.70
C MET A 237 3.44 33.70 10.70
N ILE A 238 3.94 34.91 10.86
CA ILE A 238 4.99 35.38 9.98
C ILE A 238 6.32 34.72 10.31
N VAL A 239 6.68 34.62 11.58
CA VAL A 239 7.92 33.94 11.94
C VAL A 239 7.89 32.48 11.49
N THR A 240 6.80 31.79 11.79
CA THR A 240 6.69 30.38 11.44
C THR A 240 6.80 30.16 9.94
N TYR A 241 6.06 30.93 9.15
CA TYR A 241 6.06 30.67 7.72
C TYR A 241 7.37 31.09 7.07
N THR A 242 8.07 32.08 7.60
CA THR A 242 9.37 32.34 7.01
C THR A 242 10.36 31.24 7.36
N ARG A 243 10.24 30.62 8.55
CA ARG A 243 11.12 29.49 8.84
C ARG A 243 10.78 28.28 7.96
N ILE A 244 9.50 28.00 7.80
CA ILE A 244 9.10 26.89 6.93
C ILE A 244 9.57 27.15 5.52
N TYR A 245 9.55 28.41 5.09
CA TYR A 245 10.04 28.72 3.76
C TYR A 245 11.54 28.48 3.66
N ARG A 246 12.31 28.90 4.65
CA ARG A 246 13.75 28.60 4.61
C ARG A 246 13.99 27.11 4.47
N ILE A 247 13.25 26.31 5.23
CA ILE A 247 13.45 24.86 5.19
C ILE A 247 13.09 24.29 3.83
N ALA A 248 11.95 24.70 3.29
CA ALA A 248 11.53 24.19 1.99
C ALA A 248 12.49 24.61 0.90
N GLN A 249 13.04 25.82 0.99
CA GLN A 249 14.02 26.25 0.00
C GLN A 249 15.29 25.42 0.08
N LYS A 250 15.75 25.11 1.30
CA LYS A 250 16.90 24.22 1.44
C LYS A 250 16.65 22.88 0.76
N GLN A 251 15.53 22.24 1.07
CA GLN A 251 15.26 20.93 0.50
C GLN A 251 15.13 21.00 -1.01
N ILE A 252 14.54 22.08 -1.53
CA ILE A 252 14.38 22.23 -2.97
C ILE A 252 15.74 22.34 -3.64
N ARG A 253 16.63 23.15 -3.08
CA ARG A 253 17.97 23.25 -3.65
C ARG A 253 18.64 21.88 -3.68
N ARG A 254 18.48 21.10 -2.61
CA ARG A 254 19.14 19.79 -2.57
C ARG A 254 18.59 18.85 -3.65
N ILE A 255 17.25 18.75 -3.75
CA ILE A 255 16.67 17.88 -4.76
C ILE A 255 17.08 18.33 -6.16
N ALA A 256 17.16 19.65 -6.38
CA ALA A 256 17.59 20.14 -7.68
C ALA A 256 19.03 19.78 -7.97
N ALA A 257 19.89 19.81 -6.95
CA ALA A 257 21.26 19.37 -7.12
C ALA A 257 21.29 17.93 -7.61
N LEU A 258 20.54 17.06 -6.94
CA LEU A 258 20.53 15.66 -7.33
C LEU A 258 19.99 15.48 -8.75
N GLU A 259 18.89 16.17 -9.08
CA GLU A 259 18.31 15.97 -10.40
C GLU A 259 19.20 16.52 -11.50
N ARG A 260 19.91 17.61 -11.24
CA ARG A 260 20.83 18.14 -12.25
C ARG A 260 22.02 17.19 -12.43
N ALA A 261 22.50 16.60 -11.34
CA ALA A 261 23.52 15.57 -11.46
C ALA A 261 23.03 14.41 -12.32
N ALA A 262 21.81 13.96 -12.08
CA ALA A 262 21.25 12.87 -12.86
C ALA A 262 21.17 13.22 -14.34
N VAL A 263 20.63 14.40 -14.65
CA VAL A 263 20.44 14.77 -16.05
C VAL A 263 21.77 15.00 -16.75
N HIS A 264 22.79 15.47 -16.04
CA HIS A 264 24.11 15.63 -16.64
C HIS A 264 24.74 14.29 -16.97
N PHE A 291 12.94 26.85 -11.42
CA PHE A 291 12.41 27.26 -10.13
C PHE A 291 10.93 26.98 -10.05
N LYS A 292 10.48 25.85 -10.59
CA LYS A 292 9.06 25.53 -10.52
C LYS A 292 8.63 25.16 -9.10
N ARG A 293 9.36 24.28 -8.43
CA ARG A 293 9.01 23.99 -7.05
C ARG A 293 9.18 25.20 -6.14
N GLU A 294 10.16 26.07 -6.39
CA GLU A 294 10.24 27.33 -5.65
C GLU A 294 9.00 28.19 -5.87
N THR A 295 8.52 28.25 -7.12
CA THR A 295 7.29 28.99 -7.39
C THR A 295 6.11 28.37 -6.68
N LYS A 296 6.09 27.04 -6.55
CA LYS A 296 5.00 26.40 -5.82
C LYS A 296 5.03 26.75 -4.33
N VAL A 297 6.22 26.72 -3.73
CA VAL A 297 6.34 27.16 -2.34
C VAL A 297 5.83 28.57 -2.18
N LEU A 298 6.30 29.50 -3.03
CA LEU A 298 5.87 30.88 -2.93
C LEU A 298 4.36 30.99 -3.11
N LYS A 299 3.80 30.27 -4.06
CA LYS A 299 2.37 30.37 -4.31
C LYS A 299 1.58 29.93 -3.09
N THR A 300 1.93 28.80 -2.50
CA THR A 300 1.12 28.31 -1.39
C THR A 300 1.29 29.17 -0.14
N LEU A 301 2.53 29.51 0.21
CA LEU A 301 2.74 30.36 1.38
C LEU A 301 2.13 31.74 1.20
N SER A 302 2.30 32.34 0.02
CA SER A 302 1.70 33.63 -0.25
C SER A 302 0.19 33.58 -0.20
N VAL A 303 -0.43 32.55 -0.79
CA VAL A 303 -1.88 32.46 -0.73
C VAL A 303 -2.33 32.43 0.71
N ILE A 304 -1.75 31.55 1.52
CA ILE A 304 -2.19 31.42 2.92
C ILE A 304 -2.00 32.73 3.66
N MET A 305 -0.75 33.18 3.76
CA MET A 305 -0.46 34.35 4.57
C MET A 305 -1.09 35.61 4.00
N GLY A 306 -1.17 35.75 2.69
CA GLY A 306 -1.72 36.94 2.11
C GLY A 306 -3.22 37.00 2.20
N VAL A 307 -3.93 35.89 2.10
CA VAL A 307 -5.36 35.94 2.34
C VAL A 307 -5.61 36.33 3.80
N PHE A 308 -4.93 35.67 4.73
CA PHE A 308 -5.10 36.03 6.13
C PHE A 308 -4.84 37.51 6.35
N VAL A 309 -3.72 38.02 5.85
CA VAL A 309 -3.36 39.41 6.13
C VAL A 309 -4.31 40.35 5.40
N CYS A 310 -4.48 40.19 4.09
CA CYS A 310 -5.31 41.12 3.35
C CYS A 310 -6.74 41.09 3.83
N CYS A 311 -7.12 40.08 4.61
CA CYS A 311 -8.48 40.10 5.12
C CYS A 311 -8.54 40.71 6.52
N TRP A 312 -7.56 40.45 7.39
CA TRP A 312 -7.70 40.94 8.75
C TRP A 312 -6.92 42.20 9.03
N LEU A 313 -5.76 42.41 8.41
CA LEU A 313 -4.90 43.51 8.80
C LEU A 313 -5.58 44.86 8.68
N PRO A 314 -6.33 45.18 7.63
CA PRO A 314 -6.95 46.49 7.58
C PRO A 314 -7.87 46.72 8.75
N PHE A 315 -8.68 45.70 9.09
CA PHE A 315 -9.59 45.88 10.20
C PHE A 315 -8.85 46.17 11.48
N PHE A 316 -7.69 45.55 11.69
CA PHE A 316 -7.08 45.76 12.99
C PHE A 316 -6.26 47.04 13.04
N ILE A 317 -5.65 47.46 11.93
CA ILE A 317 -5.09 48.80 11.99
C ILE A 317 -6.18 49.85 12.16
N LEU A 318 -7.38 49.59 11.66
CA LEU A 318 -8.50 50.49 11.95
C LEU A 318 -8.88 50.43 13.42
N ASN A 319 -9.20 49.25 13.93
CA ASN A 319 -9.51 49.10 15.34
C ASN A 319 -8.49 49.79 16.22
N CYS A 320 -7.23 49.86 15.77
CA CYS A 320 -6.23 50.62 16.50
C CYS A 320 -6.45 52.13 16.36
N ILE A 321 -6.55 52.63 15.13
CA ILE A 321 -6.45 54.06 14.87
C ILE A 321 -7.76 54.78 15.15
N LEU A 322 -8.88 54.11 14.85
CA LEU A 322 -10.18 54.77 14.82
C LEU A 322 -10.64 55.26 16.19
N PRO A 323 -10.79 54.42 17.22
CA PRO A 323 -11.27 54.95 18.50
C PRO A 323 -10.37 56.00 19.12
N PHE A 324 -9.07 55.99 18.84
CA PHE A 324 -8.20 57.01 19.38
C PHE A 324 -8.46 58.39 18.78
N CYS A 325 -8.70 58.48 17.47
CA CYS A 325 -8.83 59.78 16.83
C CYS A 325 -10.27 60.22 16.59
N GLY A 326 -11.23 59.30 16.58
CA GLY A 326 -12.61 59.63 16.28
C GLY A 326 -13.23 60.59 17.26
N PHE A 333 -8.16 62.09 7.95
CA PHE A 333 -7.40 61.13 8.74
C PHE A 333 -8.30 60.02 9.25
N CYS A 334 -9.43 60.40 9.82
CA CYS A 334 -10.42 59.46 10.33
C CYS A 334 -11.29 58.96 9.19
N ILE A 335 -12.11 57.94 9.49
CA ILE A 335 -12.95 57.31 8.48
C ILE A 335 -14.39 57.29 8.99
N ASP A 336 -15.28 56.74 8.17
CA ASP A 336 -16.69 56.68 8.51
C ASP A 336 -17.14 55.27 8.84
N SER A 337 -18.41 55.19 9.27
CA SER A 337 -18.98 53.93 9.70
C SER A 337 -19.06 52.95 8.55
N ASN A 338 -19.25 53.44 7.33
CA ASN A 338 -19.43 52.53 6.20
C ASN A 338 -18.11 51.84 5.88
N THR A 339 -17.02 52.60 5.87
CA THR A 339 -15.71 52.00 5.64
C THR A 339 -15.35 51.03 6.75
N PHE A 340 -15.54 51.45 8.01
CA PHE A 340 -15.29 50.52 9.10
C PHE A 340 -16.13 49.26 8.97
N ASP A 341 -17.34 49.38 8.42
CA ASP A 341 -18.23 48.24 8.32
C ASP A 341 -17.77 47.29 7.23
N VAL A 342 -17.30 47.84 6.11
CA VAL A 342 -16.80 46.98 5.05
C VAL A 342 -15.52 46.26 5.49
N PHE A 343 -14.66 46.93 6.25
CA PHE A 343 -13.46 46.21 6.71
C PHE A 343 -13.80 45.14 7.76
N VAL A 344 -14.84 45.35 8.56
CA VAL A 344 -15.33 44.25 9.39
C VAL A 344 -15.76 43.10 8.51
N TRP A 345 -16.59 43.39 7.50
CA TRP A 345 -17.02 42.32 6.64
C TRP A 345 -15.85 41.61 5.99
N PHE A 346 -14.74 42.33 5.72
CA PHE A 346 -13.57 41.64 5.18
C PHE A 346 -13.08 40.59 6.16
N GLY A 347 -13.16 40.91 7.44
CA GLY A 347 -12.74 39.94 8.44
C GLY A 347 -13.60 38.70 8.40
N TRP A 348 -14.91 38.90 8.40
CA TRP A 348 -15.78 37.73 8.30
C TRP A 348 -15.74 37.07 6.91
N ALA A 349 -15.28 37.77 5.88
CA ALA A 349 -15.01 37.12 4.60
C ALA A 349 -13.86 36.13 4.71
N ASN A 350 -12.80 36.51 5.41
CA ASN A 350 -11.76 35.52 5.71
C ASN A 350 -12.32 34.34 6.46
N SER A 351 -13.21 34.62 7.41
CA SER A 351 -13.82 33.51 8.12
C SER A 351 -14.61 32.60 7.20
N SER A 352 -15.03 33.14 6.05
CA SER A 352 -15.69 32.34 5.02
C SER A 352 -14.70 31.54 4.17
N LEU A 353 -13.59 32.17 3.79
CA LEU A 353 -12.63 31.54 2.88
C LEU A 353 -11.76 30.48 3.54
N ASN A 354 -11.65 30.48 4.87
CA ASN A 354 -10.72 29.55 5.51
C ASN A 354 -10.90 28.09 5.10
N PRO A 355 -12.10 27.54 4.94
CA PRO A 355 -12.21 26.13 4.55
C PRO A 355 -11.49 25.75 3.27
N ILE A 356 -11.66 26.50 2.17
CA ILE A 356 -11.09 26.01 0.93
C ILE A 356 -9.58 26.10 0.94
N ILE A 357 -9.01 26.94 1.79
CA ILE A 357 -7.56 27.12 1.83
C ILE A 357 -6.90 26.23 2.89
N TYR A 358 -7.65 25.78 3.89
CA TYR A 358 -7.08 24.95 4.94
C TYR A 358 -7.66 23.54 5.01
N ALA A 359 -8.60 23.17 4.14
CA ALA A 359 -9.19 21.85 4.19
C ALA A 359 -9.37 21.29 2.78
N PHE A 360 -8.39 21.49 1.92
CA PHE A 360 -8.35 20.87 0.60
C PHE A 360 -7.17 19.94 0.45
N ASN A 361 -6.93 19.14 1.47
CA ASN A 361 -6.09 17.97 1.29
C ASN A 361 -6.86 16.97 0.45
N ALA A 362 -6.11 16.04 -0.15
CA ALA A 362 -6.72 15.08 -1.07
C ALA A 362 -7.86 14.32 -0.41
N ASP A 363 -7.68 13.86 0.82
CA ASP A 363 -8.75 13.14 1.50
C ASP A 363 -9.96 14.02 1.76
N PHE A 364 -9.76 15.28 2.13
CA PHE A 364 -10.88 16.20 2.25
C PHE A 364 -11.62 16.37 0.93
N ARG A 365 -10.86 16.51 -0.16
CA ARG A 365 -11.47 16.64 -1.48
C ARG A 365 -12.32 15.43 -1.80
N LYS A 366 -11.78 14.23 -1.57
CA LYS A 366 -12.52 13.04 -1.93
C LYS A 366 -13.73 12.84 -1.03
N ALA A 367 -13.64 13.21 0.26
CA ALA A 367 -14.81 13.10 1.11
C ALA A 367 -15.91 14.04 0.65
N PHE A 368 -15.55 15.28 0.28
CA PHE A 368 -16.55 16.18 -0.28
C PHE A 368 -17.15 15.63 -1.57
N SER A 369 -16.31 15.10 -2.44
CA SER A 369 -16.77 14.59 -3.73
C SER A 369 -17.72 13.41 -3.56
N THR A 370 -17.44 12.52 -2.61
CA THR A 370 -18.34 11.39 -2.40
C THR A 370 -19.55 11.76 -1.58
N LEU A 371 -19.51 12.86 -0.84
CA LEU A 371 -20.70 13.30 -0.13
C LEU A 371 -21.67 13.96 -1.10
N LEU A 372 -21.23 15.05 -1.73
CA LEU A 372 -22.12 15.79 -2.62
C LEU A 372 -22.40 15.07 -3.93
N GLY A 373 -21.46 14.29 -4.44
CA GLY A 373 -21.68 13.55 -5.66
C GLY A 373 -20.61 13.77 -6.71
N GLN B 7 -26.99 -12.86 31.99
CA GLN B 7 -26.40 -12.73 30.66
C GLN B 7 -25.87 -11.33 30.45
N ARG B 8 -26.39 -10.39 31.23
CA ARG B 8 -25.80 -9.06 31.28
C ARG B 8 -24.42 -9.08 31.92
N ASN B 9 -24.18 -10.01 32.85
CA ASN B 9 -22.84 -10.19 33.38
C ASN B 9 -21.85 -10.53 32.30
N GLU B 10 -22.23 -11.39 31.35
CA GLU B 10 -21.29 -11.68 30.27
C GLU B 10 -21.06 -10.47 29.38
N GLU B 11 -22.06 -9.57 29.28
CA GLU B 11 -21.83 -8.34 28.54
C GLU B 11 -20.86 -7.44 29.28
N LYS B 12 -20.90 -7.44 30.60
CA LYS B 12 -19.95 -6.60 31.32
C LYS B 12 -18.56 -7.21 31.33
N ALA B 13 -18.48 -8.54 31.29
CA ALA B 13 -17.16 -9.15 31.23
C ALA B 13 -16.53 -8.92 29.87
N GLN B 14 -17.35 -8.94 28.81
CA GLN B 14 -16.80 -8.66 27.50
C GLN B 14 -16.39 -7.21 27.40
N ARG B 15 -17.12 -6.32 28.08
CA ARG B 15 -16.80 -4.90 28.00
C ARG B 15 -15.51 -4.59 28.76
N GLU B 16 -15.28 -5.25 29.89
CA GLU B 16 -14.03 -4.95 30.58
C GLU B 16 -12.83 -5.69 29.99
N ALA B 17 -13.05 -6.83 29.33
CA ALA B 17 -11.98 -7.42 28.53
C ALA B 17 -11.63 -6.50 27.36
N ASN B 18 -12.64 -5.90 26.73
CA ASN B 18 -12.35 -4.93 25.69
C ASN B 18 -11.62 -3.71 26.24
N LYS B 19 -11.92 -3.30 27.47
CA LYS B 19 -11.20 -2.14 28.00
C LYS B 19 -9.73 -2.46 28.28
N LYS B 20 -9.45 -3.61 28.90
CA LYS B 20 -8.06 -3.96 29.14
C LYS B 20 -7.31 -4.15 27.83
N ILE B 21 -8.02 -4.60 26.81
CA ILE B 21 -7.40 -4.82 25.51
C ILE B 21 -7.07 -3.47 24.90
N GLU B 22 -8.04 -2.57 24.90
CA GLU B 22 -7.86 -1.30 24.24
C GLU B 22 -6.77 -0.47 24.93
N LYS B 23 -6.61 -0.62 26.25
CA LYS B 23 -5.54 0.15 26.87
C LYS B 23 -4.16 -0.47 26.68
N GLN B 24 -4.09 -1.80 26.52
CA GLN B 24 -2.83 -2.37 26.07
C GLN B 24 -2.52 -1.98 24.64
N LEU B 25 -3.54 -1.96 23.79
CA LEU B 25 -3.34 -1.54 22.42
C LEU B 25 -2.98 -0.07 22.33
N GLN B 26 -3.37 0.74 23.31
CA GLN B 26 -2.95 2.14 23.27
C GLN B 26 -1.47 2.28 23.61
N LYS B 27 -0.99 1.51 24.59
CA LYS B 27 0.44 1.57 24.85
C LYS B 27 1.23 0.99 23.68
N ASP B 28 0.70 -0.06 23.06
CA ASP B 28 1.36 -0.63 21.89
C ASP B 28 1.33 0.34 20.73
N LYS B 29 0.26 1.12 20.59
CA LYS B 29 0.21 2.10 19.53
C LYS B 29 1.30 3.13 19.71
N GLN B 30 1.52 3.60 20.93
CA GLN B 30 2.57 4.61 21.08
C GLN B 30 3.95 4.02 20.80
N VAL B 31 4.19 2.77 21.23
CA VAL B 31 5.50 2.17 20.98
C VAL B 31 5.71 1.90 19.49
N TYR B 32 4.75 1.26 18.84
CA TYR B 32 4.86 1.00 17.41
C TYR B 32 4.95 2.30 16.61
N ARG B 33 4.26 3.34 17.06
CA ARG B 33 4.29 4.60 16.33
C ARG B 33 5.65 5.25 16.45
N ALA B 34 6.41 4.96 17.51
CA ALA B 34 7.67 5.65 17.69
C ALA B 34 8.87 4.86 17.21
N THR B 35 8.69 3.69 16.63
CA THR B 35 9.78 2.86 16.13
C THR B 35 9.86 3.10 14.62
N HIS B 36 11.03 3.47 14.12
CA HIS B 36 11.22 3.67 12.68
C HIS B 36 11.75 2.41 11.99
N ARG B 37 10.87 1.71 11.29
CA ARG B 37 11.24 0.50 10.56
C ARG B 37 12.01 0.81 9.28
N LEU B 38 13.13 0.13 9.09
CA LEU B 38 14.01 0.28 7.93
C LEU B 38 14.24 -1.09 7.33
N LEU B 39 13.93 -1.27 6.05
CA LEU B 39 14.14 -2.56 5.42
C LEU B 39 15.47 -2.54 4.68
N LEU B 40 16.31 -3.53 4.90
CA LEU B 40 17.60 -3.62 4.21
C LEU B 40 17.41 -4.56 3.03
N LEU B 41 17.69 -4.06 1.83
CA LEU B 41 17.57 -4.84 0.61
C LEU B 41 18.81 -4.63 -0.25
N GLY B 42 19.01 -5.52 -1.20
CA GLY B 42 20.18 -5.41 -2.05
C GLY B 42 20.65 -6.79 -2.45
N ALA B 43 21.49 -6.83 -3.49
CA ALA B 43 21.99 -8.11 -3.95
C ALA B 43 22.86 -8.72 -2.84
N ASP B 44 23.18 -10.01 -2.99
CA ASP B 44 24.22 -10.56 -2.14
C ASP B 44 25.61 -10.15 -2.60
N ASN B 45 26.59 -10.58 -1.81
CA ASN B 45 27.98 -10.12 -1.95
C ASN B 45 28.04 -8.60 -1.93
N SER B 46 27.12 -7.95 -1.22
CA SER B 46 27.13 -6.51 -1.10
C SER B 46 27.31 -6.02 0.34
N GLY B 47 26.71 -6.65 1.31
CA GLY B 47 26.97 -6.26 2.66
C GLY B 47 25.78 -6.05 3.54
N LYS B 48 24.63 -6.57 3.24
CA LYS B 48 23.51 -6.25 4.05
C LYS B 48 23.76 -6.76 5.45
N SER B 49 24.20 -7.98 5.52
CA SER B 49 24.46 -8.56 6.79
C SER B 49 25.59 -7.92 7.50
N THR B 50 26.63 -7.55 6.80
CA THR B 50 27.68 -6.85 7.47
C THR B 50 27.21 -5.55 8.04
N ILE B 51 26.42 -4.73 7.35
CA ILE B 51 25.93 -3.54 8.02
C ILE B 51 25.04 -3.90 9.21
N VAL B 52 24.17 -4.91 9.15
CA VAL B 52 23.38 -5.18 10.37
C VAL B 52 24.28 -5.57 11.48
N LYS B 53 25.30 -6.37 11.23
CA LYS B 53 26.16 -6.84 12.27
C LYS B 53 26.97 -5.73 12.85
N GLN B 54 27.46 -4.83 12.02
CA GLN B 54 28.33 -3.81 12.57
C GLN B 54 27.49 -2.78 13.28
N MET B 55 26.22 -2.71 12.95
CA MET B 55 25.38 -1.82 13.75
C MET B 55 25.12 -2.44 15.11
N ARG B 56 24.95 -3.76 15.14
CA ARG B 56 24.71 -4.47 16.38
C ARG B 56 25.97 -4.48 17.25
N ILE B 57 27.14 -4.29 16.65
CA ILE B 57 28.38 -4.32 17.43
C ILE B 57 28.55 -3.02 18.20
N LEU B 58 28.40 -1.88 17.51
CA LEU B 58 28.73 -0.58 18.10
C LEU B 58 27.58 -0.02 18.93
N HIS B 59 26.42 0.17 18.29
CA HIS B 59 25.31 0.84 18.96
C HIS B 59 24.53 -0.13 19.84
N GLY B 60 24.10 -1.24 19.28
CA GLY B 60 23.37 -2.24 20.05
C GLY B 60 22.16 -2.76 19.33
N GLY B 61 21.51 -3.78 19.88
CA GLY B 61 20.31 -4.31 19.24
C GLY B 61 20.00 -5.69 19.75
N SER B 62 19.02 -6.30 19.10
CA SER B 62 18.57 -7.65 19.45
C SER B 62 19.43 -8.70 18.77
N GLY B 70 23.64 -10.26 11.92
CA GLY B 70 23.25 -11.29 10.97
C GLY B 70 21.78 -11.65 11.06
N ILE B 71 21.26 -11.69 12.28
CA ILE B 71 19.84 -11.97 12.48
C ILE B 71 19.03 -10.94 11.71
N PHE B 72 17.75 -11.28 11.44
CA PHE B 72 16.99 -10.43 10.54
C PHE B 72 16.97 -8.99 11.03
N GLU B 73 16.96 -8.77 12.33
CA GLU B 73 16.69 -7.46 12.87
C GLU B 73 17.90 -6.90 13.62
N THR B 74 17.83 -5.59 13.84
CA THR B 74 18.73 -4.85 14.71
C THR B 74 17.91 -3.65 15.16
N LYS B 75 18.04 -3.28 16.42
CA LYS B 75 17.31 -2.15 16.98
C LYS B 75 18.30 -1.20 17.61
N PHE B 76 18.29 0.04 17.14
CA PHE B 76 19.26 0.99 17.66
C PHE B 76 18.63 2.36 17.77
N GLN B 77 19.18 3.17 18.67
CA GLN B 77 18.67 4.50 18.93
C GLN B 77 19.73 5.54 18.61
N VAL B 78 19.32 6.58 17.89
CA VAL B 78 20.15 7.75 17.66
C VAL B 78 19.37 8.93 18.20
N ASP B 79 19.97 9.66 19.14
CA ASP B 79 19.37 10.86 19.73
C ASP B 79 17.93 10.61 20.17
N LYS B 80 17.75 9.57 20.99
CA LYS B 80 16.45 9.22 21.56
C LYS B 80 15.42 8.86 20.50
N VAL B 81 15.86 8.46 19.31
CA VAL B 81 14.98 8.05 18.22
C VAL B 81 15.30 6.60 17.88
N ASN B 82 14.31 5.73 18.01
CA ASN B 82 14.51 4.30 17.82
C ASN B 82 14.28 3.89 16.38
N PHE B 83 15.07 2.91 15.94
CA PHE B 83 15.02 2.32 14.63
C PHE B 83 15.01 0.81 14.77
N HIS B 84 14.42 0.16 13.79
CA HIS B 84 14.40 -1.30 13.67
C HIS B 84 14.71 -1.63 12.23
N MET B 85 15.90 -2.13 11.98
CA MET B 85 16.37 -2.45 10.64
C MET B 85 16.28 -3.95 10.43
N PHE B 86 15.67 -4.38 9.32
CA PHE B 86 15.53 -5.82 9.09
C PHE B 86 16.01 -6.21 7.72
N ASP B 87 16.77 -7.29 7.63
CA ASP B 87 17.18 -7.86 6.35
C ASP B 87 16.59 -9.27 6.27
N VAL B 88 15.93 -9.61 5.16
CA VAL B 88 15.36 -10.95 5.16
C VAL B 88 16.40 -11.91 4.62
N GLY B 89 16.70 -12.96 5.38
CA GLY B 89 17.75 -13.88 4.97
C GLY B 89 17.26 -15.25 4.55
N GLY B 90 16.34 -15.82 5.32
CA GLY B 90 15.72 -17.08 5.04
C GLY B 90 14.61 -17.18 4.02
N GLN B 91 14.75 -16.53 2.88
CA GLN B 91 13.81 -16.76 1.79
C GLN B 91 14.53 -17.36 0.60
N ARG B 92 13.72 -17.62 -0.43
CA ARG B 92 14.18 -18.03 -1.74
C ARG B 92 14.75 -16.83 -2.48
N ASP B 93 14.82 -16.95 -3.80
CA ASP B 93 15.38 -15.87 -4.60
C ASP B 93 14.30 -15.09 -5.32
N GLU B 94 13.06 -15.58 -5.28
CA GLU B 94 11.96 -14.81 -5.83
C GLU B 94 11.54 -13.80 -4.77
N ARG B 95 11.17 -12.60 -5.20
CA ARG B 95 10.70 -11.61 -4.24
C ARG B 95 9.50 -10.82 -4.72
N ARG B 96 8.74 -11.32 -5.67
CA ARG B 96 7.62 -10.52 -6.15
C ARG B 96 6.46 -10.53 -5.17
N LYS B 97 6.43 -11.45 -4.20
CA LYS B 97 5.30 -11.44 -3.29
C LYS B 97 5.66 -11.16 -1.83
N TRP B 98 6.80 -11.57 -1.31
CA TRP B 98 6.99 -11.16 0.07
C TRP B 98 7.43 -9.72 0.18
N ILE B 99 7.71 -9.06 -0.93
CA ILE B 99 8.19 -7.68 -0.87
C ILE B 99 7.07 -6.80 -0.36
N GLN B 100 5.83 -7.14 -0.71
CA GLN B 100 4.68 -6.36 -0.27
C GLN B 100 4.47 -6.44 1.23
N CYS B 101 5.27 -7.22 1.94
CA CYS B 101 5.19 -7.16 3.39
C CYS B 101 5.88 -5.93 3.94
N PHE B 102 6.47 -5.09 3.08
CA PHE B 102 7.23 -3.94 3.52
C PHE B 102 6.79 -2.68 2.79
N ASN B 103 5.51 -2.56 2.50
CA ASN B 103 5.01 -1.38 1.84
C ASN B 103 4.93 -0.17 2.76
N ASP B 104 5.01 -0.36 4.07
CA ASP B 104 4.86 0.74 5.02
C ASP B 104 6.15 1.08 5.76
N VAL B 105 7.28 0.52 5.36
CA VAL B 105 8.53 0.82 6.05
C VAL B 105 8.88 2.27 5.80
N THR B 106 9.64 2.85 6.72
CA THR B 106 10.03 4.25 6.58
C THR B 106 10.94 4.45 5.39
N ALA B 107 11.89 3.54 5.19
CA ALA B 107 12.83 3.65 4.10
C ALA B 107 13.42 2.27 3.84
N ILE B 108 13.90 2.10 2.62
CA ILE B 108 14.61 0.90 2.22
C ILE B 108 16.07 1.29 2.08
N ILE B 109 16.95 0.54 2.73
CA ILE B 109 18.37 0.77 2.62
C ILE B 109 18.87 -0.23 1.59
N PHE B 110 19.10 0.27 0.40
CA PHE B 110 19.55 -0.55 -0.71
C PHE B 110 21.07 -0.55 -0.71
N VAL B 111 21.66 -1.71 -0.54
CA VAL B 111 23.11 -1.82 -0.47
C VAL B 111 23.59 -2.37 -1.79
N VAL B 112 24.62 -1.76 -2.35
CA VAL B 112 25.13 -2.15 -3.65
C VAL B 112 26.64 -2.26 -3.58
N ASP B 113 27.16 -3.40 -4.00
CA ASP B 113 28.60 -3.59 -4.06
C ASP B 113 29.16 -2.75 -5.19
N SER B 114 29.62 -1.55 -4.86
CA SER B 114 30.09 -0.65 -5.89
C SER B 114 31.41 -1.11 -6.51
N SER B 115 32.09 -2.07 -5.91
CA SER B 115 33.36 -2.54 -6.44
C SER B 115 33.22 -3.79 -7.30
N ASP B 116 31.99 -4.25 -7.55
CA ASP B 116 31.73 -5.45 -8.33
C ASP B 116 31.14 -5.07 -9.69
N TYR B 117 32.02 -4.85 -10.66
CA TYR B 117 31.66 -4.21 -11.92
C TYR B 117 30.65 -4.98 -12.77
N ASN B 118 30.44 -6.27 -12.51
CA ASN B 118 29.54 -7.03 -13.37
C ASN B 118 28.22 -7.41 -12.73
N ARG B 119 28.16 -7.53 -11.41
CA ARG B 119 26.87 -7.66 -10.76
C ARG B 119 26.20 -6.32 -10.56
N LEU B 120 26.75 -5.26 -11.13
CA LEU B 120 26.15 -3.94 -10.99
C LEU B 120 24.90 -3.79 -11.83
N GLN B 121 24.82 -4.43 -13.00
CA GLN B 121 23.58 -4.38 -13.74
C GLN B 121 22.45 -5.06 -12.99
N GLU B 122 22.76 -6.11 -12.23
CA GLU B 122 21.73 -6.74 -11.43
C GLU B 122 21.21 -5.77 -10.37
N ALA B 123 22.11 -5.01 -9.75
CA ALA B 123 21.70 -4.03 -8.76
C ALA B 123 20.88 -2.91 -9.39
N LEU B 124 21.24 -2.49 -10.59
CA LEU B 124 20.46 -1.45 -11.26
C LEU B 124 19.06 -1.94 -11.58
N ASN B 125 18.95 -3.16 -12.10
CA ASN B 125 17.62 -3.70 -12.41
C ASN B 125 16.78 -3.91 -11.16
N LEU B 126 17.40 -4.38 -10.09
CA LEU B 126 16.64 -4.54 -8.85
C LEU B 126 16.19 -3.20 -8.31
N PHE B 127 17.04 -2.17 -8.43
CA PHE B 127 16.64 -0.85 -7.98
C PHE B 127 15.50 -0.31 -8.82
N LYS B 128 15.52 -0.61 -10.12
CA LYS B 128 14.47 -0.14 -10.99
C LYS B 128 13.15 -0.83 -10.67
N SER B 129 13.21 -2.12 -10.37
CA SER B 129 12.00 -2.86 -10.05
C SER B 129 11.44 -2.44 -8.70
N ILE B 130 12.31 -2.03 -7.77
CA ILE B 130 11.82 -1.55 -6.49
C ILE B 130 11.23 -0.16 -6.63
N TRP B 131 11.89 0.70 -7.39
CA TRP B 131 11.45 2.07 -7.52
C TRP B 131 10.11 2.18 -8.26
N ASN B 132 9.86 1.30 -9.22
CA ASN B 132 8.61 1.34 -9.96
C ASN B 132 7.59 0.33 -9.47
N ASN B 133 7.78 -0.24 -8.29
CA ASN B 133 6.82 -1.23 -7.83
C ASN B 133 5.51 -0.55 -7.50
N ARG B 134 4.40 -1.20 -7.82
CA ARG B 134 3.11 -0.57 -7.56
C ARG B 134 2.87 -0.41 -6.07
N TRP B 135 3.45 -1.27 -5.24
CA TRP B 135 3.20 -1.26 -3.81
C TRP B 135 4.33 -0.64 -3.01
N LEU B 136 5.36 -0.14 -3.67
CA LEU B 136 6.47 0.53 -3.00
C LEU B 136 6.72 1.88 -3.65
N ARG B 137 5.64 2.47 -4.18
CA ARG B 137 5.72 3.73 -4.90
C ARG B 137 6.12 4.87 -3.98
N THR B 138 5.82 4.75 -2.68
CA THR B 138 6.06 5.83 -1.75
C THR B 138 7.18 5.52 -0.77
N ILE B 139 7.90 4.43 -0.95
CA ILE B 139 8.99 4.07 -0.06
C ILE B 139 10.26 4.66 -0.66
N SER B 140 10.87 5.60 0.05
CA SER B 140 12.13 6.19 -0.35
C SER B 140 13.28 5.25 -0.04
N VAL B 141 14.33 5.35 -0.85
CA VAL B 141 15.45 4.44 -0.74
C VAL B 141 16.70 5.22 -0.37
N ILE B 142 17.45 4.68 0.58
CA ILE B 142 18.75 5.18 0.97
C ILE B 142 19.78 4.30 0.29
N LEU B 143 20.56 4.87 -0.60
CA LEU B 143 21.46 4.09 -1.41
C LEU B 143 22.83 4.05 -0.75
N PHE B 144 23.28 2.85 -0.40
CA PHE B 144 24.63 2.66 0.14
C PHE B 144 25.50 2.08 -0.95
N LEU B 145 26.45 2.86 -1.44
CA LEU B 145 27.42 2.39 -2.41
C LEU B 145 28.58 1.82 -1.62
N ASN B 146 28.47 0.56 -1.23
CA ASN B 146 29.33 -0.05 -0.24
C ASN B 146 30.67 -0.46 -0.86
N LYS B 147 31.60 -0.86 0.01
CA LYS B 147 32.90 -1.39 -0.41
C LYS B 147 33.69 -0.39 -1.23
N GLN B 148 33.77 0.85 -0.72
CA GLN B 148 34.53 1.87 -1.42
C GLN B 148 36.02 1.61 -1.36
N ASP B 149 36.51 0.97 -0.30
CA ASP B 149 37.94 0.67 -0.25
C ASP B 149 38.34 -0.30 -1.35
N LEU B 150 37.51 -1.31 -1.59
CA LEU B 150 37.79 -2.22 -2.70
C LEU B 150 37.68 -1.51 -4.03
N LEU B 151 36.73 -0.59 -4.16
CA LEU B 151 36.64 0.16 -5.40
C LEU B 151 37.90 0.96 -5.67
N ALA B 152 38.43 1.63 -4.64
CA ALA B 152 39.68 2.33 -4.84
C ALA B 152 40.80 1.38 -5.19
N GLU B 153 40.80 0.18 -4.60
CA GLU B 153 41.81 -0.80 -4.94
C GLU B 153 41.75 -1.17 -6.41
N LYS B 154 40.55 -1.46 -6.91
CA LYS B 154 40.41 -1.88 -8.31
C LYS B 154 40.70 -0.73 -9.27
N VAL B 155 40.30 0.50 -8.92
CA VAL B 155 40.54 1.61 -9.82
C VAL B 155 42.02 1.92 -9.92
N LEU B 156 42.72 1.93 -8.77
CA LEU B 156 44.16 2.20 -8.81
C LEU B 156 44.92 1.06 -9.45
N ALA B 157 44.41 -0.17 -9.34
CA ALA B 157 45.09 -1.28 -9.98
C ALA B 157 45.00 -1.19 -11.50
N GLY B 158 43.85 -0.76 -12.02
CA GLY B 158 43.70 -0.57 -13.45
C GLY B 158 43.68 -1.84 -14.26
N LYS B 159 43.24 -2.95 -13.67
CA LYS B 159 43.15 -4.22 -14.38
C LYS B 159 41.76 -4.47 -14.95
N SER B 160 40.71 -4.14 -14.21
CA SER B 160 39.32 -4.23 -14.69
C SER B 160 38.70 -2.84 -14.79
N LYS B 161 38.55 -2.35 -16.00
CA LYS B 161 38.07 -1.00 -16.26
C LYS B 161 36.57 -0.99 -16.51
N ILE B 162 35.93 0.10 -16.06
CA ILE B 162 34.48 0.25 -16.10
C ILE B 162 33.96 0.28 -17.53
N GLU B 163 34.75 0.76 -18.48
CA GLU B 163 34.26 0.93 -19.85
C GLU B 163 33.86 -0.39 -20.47
N ASP B 164 34.42 -1.51 -20.02
CA ASP B 164 34.04 -2.79 -20.59
C ASP B 164 32.61 -3.19 -20.21
N TYR B 165 32.10 -2.69 -19.09
CA TYR B 165 30.74 -3.03 -18.69
C TYR B 165 29.73 -1.91 -18.95
N PHE B 166 30.14 -0.66 -18.79
CA PHE B 166 29.28 0.49 -19.08
C PHE B 166 30.02 1.42 -20.04
N PRO B 167 29.87 1.23 -21.35
CA PRO B 167 30.62 2.08 -22.29
C PRO B 167 30.33 3.57 -22.15
N GLU B 168 29.18 3.94 -21.58
CA GLU B 168 28.92 5.36 -21.33
C GLU B 168 30.01 5.96 -20.46
N PHE B 169 30.62 5.14 -19.62
CA PHE B 169 31.63 5.63 -18.69
C PHE B 169 32.82 6.22 -19.42
N ALA B 170 32.99 5.88 -20.69
CA ALA B 170 34.14 6.42 -21.40
C ALA B 170 33.97 7.92 -21.59
N ARG B 171 32.75 8.36 -21.88
CA ARG B 171 32.48 9.77 -22.09
C ARG B 171 32.01 10.50 -20.82
N TYR B 172 32.01 9.86 -19.67
CA TYR B 172 31.50 10.49 -18.47
C TYR B 172 32.51 11.43 -17.82
N THR B 173 32.03 12.59 -17.39
CA THR B 173 32.84 13.61 -16.74
C THR B 173 32.42 13.73 -15.28
N THR B 174 33.38 13.74 -14.38
CA THR B 174 33.07 13.91 -12.97
C THR B 174 32.29 15.20 -12.75
N PRO B 175 31.18 15.15 -12.02
CA PRO B 175 30.36 16.36 -11.84
C PRO B 175 31.15 17.46 -11.14
N GLU B 176 30.79 18.71 -11.45
CA GLU B 176 31.39 19.87 -10.82
C GLU B 176 30.95 20.07 -9.38
N ASP B 177 29.99 19.32 -8.87
CA ASP B 177 29.55 19.45 -7.50
C ASP B 177 30.16 18.38 -6.59
N ALA B 178 31.07 17.58 -7.14
CA ALA B 178 31.63 16.45 -6.41
C ALA B 178 32.52 16.92 -5.28
N THR B 179 32.46 16.22 -4.14
CA THR B 179 33.26 16.56 -2.97
C THR B 179 34.11 15.35 -2.61
N PRO B 180 35.27 15.20 -3.24
CA PRO B 180 36.16 14.08 -2.91
C PRO B 180 36.86 14.33 -1.58
N GLU B 181 37.17 13.25 -0.88
CA GLU B 181 37.88 13.40 0.37
C GLU B 181 39.34 13.74 0.08
N PRO B 182 40.04 14.34 1.03
CA PRO B 182 41.44 14.73 0.80
C PRO B 182 42.33 13.56 0.42
N GLY B 183 42.98 13.68 -0.74
CA GLY B 183 43.87 12.63 -1.20
C GLY B 183 43.21 11.52 -1.97
N GLU B 184 42.42 11.86 -2.98
CA GLU B 184 41.68 10.86 -3.76
C GLU B 184 42.01 11.01 -5.23
N ASP B 185 42.35 9.91 -5.87
CA ASP B 185 42.66 9.96 -7.30
C ASP B 185 41.41 10.31 -8.09
N PRO B 186 41.48 11.24 -9.04
CA PRO B 186 40.31 11.56 -9.85
C PRO B 186 39.65 10.38 -10.55
N ARG B 187 40.41 9.31 -10.82
CA ARG B 187 39.81 8.11 -11.38
C ARG B 187 38.83 7.47 -10.41
N VAL B 188 39.18 7.43 -9.12
CA VAL B 188 38.27 6.84 -8.15
C VAL B 188 37.05 7.72 -7.99
N THR B 189 37.24 9.03 -8.01
CA THR B 189 36.09 9.93 -7.91
C THR B 189 35.16 9.72 -9.08
N ARG B 190 35.70 9.56 -10.29
CA ARG B 190 34.83 9.39 -11.45
C ARG B 190 34.12 8.05 -11.42
N ALA B 191 34.77 7.02 -10.89
CA ALA B 191 34.14 5.71 -10.87
C ALA B 191 32.97 5.69 -9.88
N LYS B 192 33.22 6.17 -8.66
CA LYS B 192 32.16 6.09 -7.66
C LYS B 192 31.05 7.11 -7.94
N TYR B 193 31.37 8.23 -8.59
CA TYR B 193 30.30 9.14 -8.93
C TYR B 193 29.55 8.68 -10.15
N PHE B 194 30.18 7.84 -10.98
CA PHE B 194 29.44 7.23 -12.09
C PHE B 194 28.41 6.23 -11.58
N ILE B 195 28.80 5.37 -10.64
CA ILE B 195 27.80 4.47 -10.07
C ILE B 195 26.70 5.27 -9.38
N ARG B 196 27.08 6.35 -8.71
CA ARG B 196 26.09 7.22 -8.07
C ARG B 196 25.10 7.75 -9.09
N ASP B 197 25.61 8.21 -10.24
CA ASP B 197 24.69 8.81 -11.18
C ASP B 197 23.89 7.77 -11.96
N GLU B 198 24.36 6.53 -12.05
CA GLU B 198 23.51 5.52 -12.69
C GLU B 198 22.29 5.22 -11.84
N PHE B 199 22.46 5.28 -10.53
CA PHE B 199 21.27 5.05 -9.74
C PHE B 199 20.43 6.31 -9.62
N LEU B 200 21.06 7.48 -9.63
CA LEU B 200 20.22 8.67 -9.59
C LEU B 200 19.49 8.86 -10.91
N ARG B 201 20.09 8.44 -12.02
CA ARG B 201 19.38 8.52 -13.29
C ARG B 201 18.17 7.62 -13.30
N ILE B 202 18.16 6.56 -12.49
CA ILE B 202 16.91 5.79 -12.46
C ILE B 202 15.93 6.42 -11.49
N SER B 203 16.41 6.88 -10.33
CA SER B 203 15.47 7.38 -9.35
C SER B 203 14.82 8.65 -9.83
N THR B 204 15.55 9.48 -10.58
CA THR B 204 14.90 10.67 -11.07
C THR B 204 14.22 10.40 -12.41
N ALA B 205 14.46 9.23 -13.01
CA ALA B 205 13.79 8.96 -14.27
C ALA B 205 12.34 8.64 -14.00
N SER B 206 12.05 8.17 -12.79
CA SER B 206 10.67 7.84 -12.44
C SER B 206 10.01 9.01 -11.71
N GLY B 207 10.68 9.52 -10.67
CA GLY B 207 10.23 10.66 -9.90
C GLY B 207 8.87 10.65 -9.23
N ASP B 208 8.09 11.68 -9.55
CA ASP B 208 6.71 11.95 -9.15
C ASP B 208 6.72 12.65 -7.79
N GLY B 209 7.88 12.84 -7.19
CA GLY B 209 7.98 13.57 -5.94
C GLY B 209 7.45 12.86 -4.72
N ARG B 210 6.88 11.67 -4.89
CA ARG B 210 6.41 10.92 -3.73
C ARG B 210 7.56 10.33 -2.93
N HIS B 211 8.70 10.08 -3.57
CA HIS B 211 9.83 9.54 -2.85
C HIS B 211 11.12 9.85 -3.59
N TYR B 212 12.23 9.76 -2.86
CA TYR B 212 13.54 10.16 -3.36
C TYR B 212 14.59 9.13 -2.96
N CYS B 213 15.77 9.27 -3.54
CA CYS B 213 16.92 8.41 -3.26
C CYS B 213 18.06 9.26 -2.74
N TYR B 214 18.69 8.81 -1.65
CA TYR B 214 19.74 9.59 -0.99
C TYR B 214 21.03 8.79 -1.01
N PRO B 215 21.94 9.05 -1.94
CA PRO B 215 23.15 8.24 -2.01
C PRO B 215 24.17 8.57 -0.94
N HIS B 216 24.95 7.58 -0.51
CA HIS B 216 25.90 7.80 0.53
C HIS B 216 26.93 6.81 0.32
N PHE B 217 28.16 7.21 0.25
CA PHE B 217 29.25 6.33 -0.09
C PHE B 217 29.92 5.63 1.03
N THR B 218 29.25 4.73 1.66
CA THR B 218 29.78 4.04 2.79
C THR B 218 30.77 2.97 2.63
N CYS B 219 31.37 2.51 3.71
CA CYS B 219 32.21 1.35 3.69
C CYS B 219 31.48 0.75 4.84
N ALA B 220 31.34 -0.56 4.93
CA ALA B 220 30.50 -1.15 5.99
C ALA B 220 30.94 -0.98 7.39
N VAL B 221 32.24 -1.03 7.62
CA VAL B 221 32.77 -0.94 8.96
C VAL B 221 32.72 0.49 9.48
N ASP B 222 32.18 1.41 8.70
CA ASP B 222 32.13 2.80 9.07
C ASP B 222 31.38 3.02 10.33
N THR B 223 31.89 3.89 11.17
CA THR B 223 31.21 4.22 12.38
C THR B 223 29.92 4.99 12.18
N GLU B 224 29.87 5.89 11.22
CA GLU B 224 28.72 6.76 11.05
C GLU B 224 27.51 6.20 10.38
N ASN B 225 27.44 4.94 10.06
CA ASN B 225 26.30 4.49 9.30
C ASN B 225 25.01 4.90 9.98
N ALA B 226 25.04 4.93 11.29
CA ALA B 226 23.87 5.30 12.02
C ALA B 226 23.48 6.69 11.79
N ARG B 227 24.43 7.56 11.79
CA ARG B 227 24.08 8.91 11.64
C ARG B 227 23.52 9.06 10.31
N ARG B 228 24.05 8.42 9.27
CA ARG B 228 23.54 8.67 7.93
C ARG B 228 22.14 8.23 7.89
N ILE B 229 21.80 7.08 8.45
CA ILE B 229 20.39 6.73 8.45
C ILE B 229 19.53 7.68 9.25
N PHE B 230 19.99 8.18 10.37
CA PHE B 230 19.22 9.13 11.12
C PHE B 230 19.00 10.35 10.32
N ASN B 231 20.02 10.88 9.69
CA ASN B 231 19.85 12.10 8.99
C ASN B 231 18.89 11.88 7.88
N ASP B 232 18.94 10.76 7.22
CA ASP B 232 18.04 10.65 6.11
C ASP B 232 16.63 10.32 6.47
N CYS B 233 16.37 9.44 7.39
CA CYS B 233 15.01 9.25 7.85
C CYS B 233 14.37 10.57 8.23
N ARG B 234 15.15 11.44 8.88
CA ARG B 234 14.64 12.77 9.20
C ARG B 234 14.29 13.55 7.95
N ASP B 235 15.15 13.50 6.93
CA ASP B 235 14.84 14.18 5.68
C ASP B 235 13.61 13.60 5.01
N ILE B 236 13.43 12.28 5.08
CA ILE B 236 12.26 11.67 4.46
C ILE B 236 10.99 12.15 5.15
N ILE B 237 11.00 12.21 6.49
CA ILE B 237 9.81 12.67 7.19
C ILE B 237 9.56 14.15 6.93
N GLN B 238 10.63 14.95 6.92
CA GLN B 238 10.49 16.37 6.59
C GLN B 238 9.83 16.52 5.23
N ARG B 239 10.32 15.81 4.22
CA ARG B 239 9.77 15.97 2.88
C ARG B 239 8.36 15.42 2.78
N MET B 240 8.03 14.40 3.56
CA MET B 240 6.66 13.92 3.58
C MET B 240 5.73 14.99 4.15
N HIS B 241 6.17 15.67 5.22
CA HIS B 241 5.34 16.71 5.82
C HIS B 241 5.25 17.91 4.91
N LEU B 242 6.30 18.21 4.15
CA LEU B 242 6.23 19.29 3.18
C LEU B 242 5.23 18.94 2.09
N ARG B 243 5.45 17.83 1.38
CA ARG B 243 4.50 17.46 0.35
C ARG B 243 3.10 17.25 0.87
N GLN B 244 2.90 17.10 2.18
CA GLN B 244 1.52 17.02 2.63
C GLN B 244 0.84 18.37 2.59
N TYR B 245 1.52 19.43 3.02
CA TYR B 245 0.96 20.76 2.97
C TYR B 245 1.29 21.47 1.66
N GLU B 246 1.68 20.72 0.65
CA GLU B 246 1.95 21.22 -0.70
C GLU B 246 3.05 22.26 -0.71
N LEU B 247 3.70 22.48 0.42
CA LEU B 247 4.83 23.39 0.51
C LEU B 247 6.03 22.93 -0.29
N LEU B 248 6.11 21.65 -0.66
CA LEU B 248 7.28 21.18 -1.39
C LEU B 248 7.23 21.61 -2.83
N SER C 19 20.35 -39.17 -26.27
CA SER C 19 20.21 -39.07 -24.83
C SER C 19 18.78 -39.37 -24.38
N GLU C 20 18.43 -38.91 -23.19
CA GLU C 20 17.18 -39.31 -22.54
C GLU C 20 16.41 -38.15 -21.92
N LEU C 21 17.08 -37.04 -21.58
CA LEU C 21 16.35 -35.88 -21.10
C LEU C 21 15.51 -35.25 -22.21
N ASP C 22 16.04 -35.17 -23.43
CA ASP C 22 15.23 -34.61 -24.50
C ASP C 22 14.12 -35.57 -24.92
N GLN C 23 14.29 -36.87 -24.71
CA GLN C 23 13.22 -37.79 -25.05
C GLN C 23 12.12 -37.76 -24.00
N LEU C 24 12.48 -37.45 -22.75
CA LEU C 24 11.45 -37.30 -21.73
C LEU C 24 10.74 -35.96 -21.90
N ARG C 25 11.47 -34.93 -22.33
CA ARG C 25 10.85 -33.65 -22.64
C ARG C 25 9.85 -33.80 -23.79
N GLN C 26 10.21 -34.58 -24.80
CA GLN C 26 9.30 -34.83 -25.91
C GLN C 26 8.07 -35.61 -25.46
N GLU C 27 8.26 -36.70 -24.71
CA GLU C 27 7.11 -37.46 -24.25
C GLU C 27 6.25 -36.63 -23.29
N ALA C 28 6.87 -35.67 -22.60
CA ALA C 28 6.14 -34.73 -21.76
C ALA C 28 5.20 -33.88 -22.60
N GLU C 29 5.74 -33.31 -23.68
CA GLU C 29 4.89 -32.49 -24.55
C GLU C 29 3.80 -33.33 -25.21
N GLN C 30 4.13 -34.58 -25.57
CA GLN C 30 3.11 -35.48 -26.11
C GLN C 30 1.97 -35.68 -25.11
N LEU C 31 2.30 -35.85 -23.83
CA LEU C 31 1.25 -35.98 -22.83
C LEU C 31 0.48 -34.68 -22.69
N LYS C 32 1.15 -33.54 -22.80
CA LYS C 32 0.44 -32.28 -22.65
C LYS C 32 -0.54 -32.05 -23.80
N ASN C 33 -0.24 -32.59 -24.98
CA ASN C 33 -1.19 -32.40 -26.07
C ASN C 33 -2.29 -33.43 -26.04
N GLN C 34 -2.00 -34.65 -25.54
CA GLN C 34 -3.07 -35.59 -25.29
C GLN C 34 -4.03 -35.06 -24.21
N ILE C 35 -3.49 -34.33 -23.23
CA ILE C 35 -4.33 -33.74 -22.19
C ILE C 35 -5.16 -32.61 -22.76
N ARG C 36 -4.57 -31.79 -23.64
CA ARG C 36 -5.35 -30.70 -24.22
C ARG C 36 -6.45 -31.24 -25.12
N ASP C 37 -6.20 -32.38 -25.78
CA ASP C 37 -7.23 -32.97 -26.63
C ASP C 37 -8.33 -33.59 -25.78
N ALA C 38 -7.95 -34.30 -24.71
CA ALA C 38 -8.95 -34.88 -23.82
C ALA C 38 -9.73 -33.80 -23.07
N ARG C 39 -9.20 -32.58 -23.03
CA ARG C 39 -9.90 -31.46 -22.39
C ARG C 39 -10.87 -30.80 -23.35
N LYS C 40 -10.46 -30.63 -24.61
CA LYS C 40 -11.39 -30.09 -25.60
C LYS C 40 -12.45 -31.11 -25.99
N ALA C 41 -12.20 -32.40 -25.71
CA ALA C 41 -13.17 -33.45 -26.00
C ALA C 41 -14.43 -33.32 -25.15
N CYS C 42 -14.29 -32.99 -23.87
CA CYS C 42 -15.43 -32.84 -22.99
C CYS C 42 -16.02 -31.45 -22.97
N ALA C 43 -15.51 -30.52 -23.77
CA ALA C 43 -16.07 -29.18 -23.84
C ALA C 43 -17.15 -29.11 -24.92
N ASP C 44 -18.21 -29.92 -24.70
CA ASP C 44 -19.31 -29.95 -25.66
C ASP C 44 -20.14 -28.68 -25.62
N ALA C 45 -20.16 -27.99 -24.48
CA ALA C 45 -20.92 -26.76 -24.34
C ALA C 45 -20.16 -25.84 -23.39
N THR C 46 -20.72 -24.66 -23.17
CA THR C 46 -20.15 -23.71 -22.22
C THR C 46 -21.18 -23.46 -21.13
N LEU C 47 -20.69 -23.03 -19.97
CA LEU C 47 -21.60 -22.76 -18.87
C LEU C 47 -22.55 -21.62 -19.21
N SER C 48 -22.09 -20.64 -19.99
CA SER C 48 -22.95 -19.51 -20.32
C SER C 48 -24.12 -19.91 -21.20
N GLN C 49 -23.90 -20.78 -22.18
CA GLN C 49 -25.02 -21.24 -23.01
C GLN C 49 -26.03 -22.01 -22.18
N ILE C 50 -25.57 -22.81 -21.23
CA ILE C 50 -26.50 -23.60 -20.40
C ILE C 50 -27.30 -22.69 -19.48
N THR C 51 -26.63 -21.70 -18.87
CA THR C 51 -27.26 -20.85 -17.87
C THR C 51 -27.75 -19.52 -18.43
N ASN C 52 -27.91 -19.41 -19.75
CA ASN C 52 -28.39 -18.15 -20.31
C ASN C 52 -29.87 -17.92 -20.06
N ASN C 53 -30.65 -18.97 -19.83
CA ASN C 53 -32.08 -18.86 -19.57
C ASN C 53 -32.44 -18.69 -18.10
N ILE C 54 -31.46 -18.68 -17.20
CA ILE C 54 -31.78 -18.51 -15.78
C ILE C 54 -32.06 -17.03 -15.50
N ASP C 55 -32.78 -16.78 -14.41
CA ASP C 55 -32.96 -15.35 -14.11
C ASP C 55 -31.80 -14.81 -13.27
N PRO C 56 -31.40 -13.57 -13.55
CA PRO C 56 -30.33 -12.96 -12.79
C PRO C 56 -30.69 -12.73 -11.33
N VAL C 57 -29.66 -12.75 -10.48
CA VAL C 57 -29.85 -12.59 -9.05
C VAL C 57 -30.36 -11.20 -8.69
N GLY C 58 -30.28 -10.26 -9.62
CA GLY C 58 -30.69 -8.90 -9.34
C GLY C 58 -29.57 -8.10 -8.70
N ARG C 59 -29.85 -6.82 -8.51
CA ARG C 59 -28.88 -5.93 -7.86
C ARG C 59 -28.76 -6.32 -6.38
N ILE C 60 -27.52 -6.53 -5.95
CA ILE C 60 -27.19 -6.88 -4.57
C ILE C 60 -26.44 -5.71 -3.97
N GLN C 61 -27.09 -5.01 -3.04
CA GLN C 61 -26.51 -3.84 -2.38
C GLN C 61 -26.39 -4.14 -0.90
N MET C 62 -25.26 -4.70 -0.51
CA MET C 62 -24.95 -4.89 0.89
C MET C 62 -24.35 -3.63 1.50
N ARG C 63 -24.50 -3.50 2.81
CA ARG C 63 -24.08 -2.31 3.52
C ARG C 63 -23.25 -2.71 4.74
N THR C 64 -22.39 -1.79 5.16
CA THR C 64 -21.52 -2.03 6.30
C THR C 64 -22.36 -2.09 7.57
N ARG C 65 -22.38 -3.23 8.23
CA ARG C 65 -23.16 -3.34 9.46
C ARG C 65 -22.32 -3.14 10.70
N ARG C 66 -21.03 -3.42 10.61
CA ARG C 66 -20.10 -3.24 11.71
C ARG C 66 -18.81 -2.70 11.13
N THR C 67 -18.01 -2.08 11.98
CA THR C 67 -16.67 -1.69 11.58
C THR C 67 -15.80 -1.99 12.78
N LEU C 68 -14.78 -2.78 12.53
CA LEU C 68 -13.93 -3.30 13.58
C LEU C 68 -12.56 -2.65 13.54
N ARG C 69 -12.26 -1.82 14.53
CA ARG C 69 -11.05 -1.02 14.54
C ARG C 69 -10.16 -1.49 15.67
N GLY C 70 -8.88 -1.18 15.56
CA GLY C 70 -7.98 -1.48 16.65
C GLY C 70 -6.60 -1.81 16.11
N HIS C 71 -6.56 -2.28 14.87
CA HIS C 71 -5.33 -2.80 14.31
C HIS C 71 -4.42 -1.65 13.94
N LEU C 72 -3.13 -1.82 14.20
CA LEU C 72 -2.17 -0.75 13.98
C LEU C 72 -1.48 -0.83 12.63
N ALA C 73 -1.74 -1.86 11.84
CA ALA C 73 -1.06 -1.98 10.56
C ALA C 73 -1.98 -2.66 9.57
N LYS C 74 -1.43 -2.99 8.41
CA LYS C 74 -2.21 -3.55 7.32
C LYS C 74 -2.63 -4.97 7.63
N ILE C 75 -3.89 -5.27 7.41
CA ILE C 75 -4.42 -6.60 7.67
C ILE C 75 -4.09 -7.52 6.51
N TYR C 76 -3.80 -8.79 6.80
CA TYR C 76 -3.41 -9.73 5.77
C TYR C 76 -4.22 -11.00 5.73
N ALA C 77 -4.96 -11.31 6.78
CA ALA C 77 -5.73 -12.53 6.76
C ALA C 77 -6.85 -12.44 7.76
N MET C 78 -7.94 -13.13 7.47
CA MET C 78 -9.03 -13.20 8.44
C MET C 78 -9.73 -14.50 8.18
N HIS C 79 -10.42 -15.00 9.20
CA HIS C 79 -11.16 -16.24 9.04
C HIS C 79 -12.28 -16.27 10.06
N TRP C 80 -13.51 -16.43 9.60
CA TRP C 80 -14.61 -16.57 10.52
C TRP C 80 -14.48 -17.87 11.28
N GLY C 81 -15.11 -17.93 12.42
CA GLY C 81 -15.20 -19.16 13.16
C GLY C 81 -16.37 -19.98 12.69
N THR C 82 -16.47 -21.20 13.22
CA THR C 82 -17.58 -22.06 12.81
C THR C 82 -18.90 -21.54 13.35
N ASP C 83 -18.89 -20.88 14.50
CA ASP C 83 -20.15 -20.35 14.99
C ASP C 83 -20.62 -19.17 14.17
N SER C 84 -19.83 -18.73 13.20
CA SER C 84 -20.12 -17.57 12.39
C SER C 84 -20.23 -16.30 13.21
N ARG C 85 -19.69 -16.29 14.42
CA ARG C 85 -19.75 -15.10 15.25
C ARG C 85 -18.38 -14.51 15.55
N LEU C 86 -17.42 -15.30 16.01
CA LEU C 86 -16.09 -14.80 16.28
C LEU C 86 -15.21 -14.86 15.04
N LEU C 87 -14.20 -14.00 15.01
CA LEU C 87 -13.26 -14.04 13.90
C LEU C 87 -11.91 -13.50 14.31
N VAL C 88 -10.85 -13.97 13.64
CA VAL C 88 -9.49 -13.55 13.93
C VAL C 88 -8.95 -12.75 12.77
N SER C 89 -8.17 -11.73 13.08
CA SER C 89 -7.56 -10.90 12.06
C SER C 89 -6.09 -10.72 12.41
N ALA C 90 -5.23 -10.72 11.39
CA ALA C 90 -3.79 -10.61 11.57
C ALA C 90 -3.31 -9.32 10.92
N SER C 91 -2.62 -8.50 11.71
CA SER C 91 -2.04 -7.26 11.24
C SER C 91 -0.53 -7.26 11.38
N GLN C 92 0.13 -6.38 10.63
CA GLN C 92 1.58 -6.36 10.61
C GLN C 92 2.16 -5.54 11.75
N ASP C 93 1.38 -5.26 12.78
CA ASP C 93 1.94 -4.75 14.02
C ASP C 93 2.29 -5.89 14.96
N GLY C 94 2.24 -7.12 14.48
CA GLY C 94 2.53 -8.24 15.35
C GLY C 94 1.34 -8.68 16.18
N LYS C 95 0.11 -8.45 15.71
CA LYS C 95 -1.07 -8.78 16.49
C LYS C 95 -2.03 -9.65 15.73
N LEU C 96 -2.83 -10.35 16.52
CA LEU C 96 -3.88 -11.27 16.06
C LEU C 96 -5.08 -11.04 16.97
N ILE C 97 -6.06 -10.29 16.50
CA ILE C 97 -7.15 -9.90 17.37
C ILE C 97 -8.33 -10.79 17.07
N ILE C 98 -9.00 -11.26 18.13
CA ILE C 98 -10.21 -12.05 17.99
C ILE C 98 -11.37 -11.18 18.41
N TRP C 99 -12.38 -11.11 17.55
CA TRP C 99 -13.54 -10.23 17.64
C TRP C 99 -14.82 -11.04 17.82
N ASP C 100 -15.74 -10.47 18.57
CA ASP C 100 -17.13 -10.91 18.63
C ASP C 100 -17.87 -9.98 17.69
N SER C 101 -18.06 -10.43 16.45
CA SER C 101 -18.52 -9.58 15.37
C SER C 101 -19.89 -8.96 15.61
N TYR C 102 -20.71 -9.56 16.48
CA TYR C 102 -22.03 -8.99 16.75
C TYR C 102 -21.91 -7.68 17.52
N THR C 103 -21.07 -7.65 18.55
CA THR C 103 -20.97 -6.50 19.42
C THR C 103 -19.70 -5.68 19.25
N THR C 104 -18.87 -6.02 18.26
CA THR C 104 -17.61 -5.31 17.98
C THR C 104 -16.65 -5.30 19.16
N ASN C 105 -16.87 -6.13 20.17
CA ASN C 105 -15.93 -6.20 21.27
C ASN C 105 -14.78 -7.08 20.87
N LYS C 106 -13.61 -6.83 21.44
CA LYS C 106 -12.46 -7.66 21.17
C LYS C 106 -12.38 -8.71 22.27
N VAL C 107 -12.26 -9.97 21.87
CA VAL C 107 -12.17 -11.02 22.86
C VAL C 107 -10.72 -11.32 23.18
N HIS C 108 -9.83 -11.24 22.20
CA HIS C 108 -8.43 -11.49 22.52
C HIS C 108 -7.56 -10.61 21.64
N ALA C 109 -6.35 -10.34 22.12
CA ALA C 109 -5.38 -9.59 21.35
C ALA C 109 -4.03 -10.27 21.55
N ILE C 110 -3.64 -11.14 20.63
CA ILE C 110 -2.47 -11.99 20.80
C ILE C 110 -1.28 -11.27 20.17
N PRO C 111 -0.27 -10.89 20.95
CA PRO C 111 0.98 -10.36 20.37
C PRO C 111 1.84 -11.45 19.77
N LEU C 112 2.50 -11.13 18.66
CA LEU C 112 3.31 -12.07 17.92
C LEU C 112 4.80 -11.76 18.06
N ARG C 113 5.61 -12.81 18.20
CA ARG C 113 7.06 -12.63 18.33
C ARG C 113 7.67 -12.06 17.05
N SER C 114 7.06 -12.30 15.90
CA SER C 114 7.45 -11.71 14.63
C SER C 114 6.28 -10.93 14.09
N SER C 115 6.52 -9.68 13.70
CA SER C 115 5.41 -8.84 13.29
C SER C 115 4.96 -9.06 11.85
N TRP C 116 5.70 -9.83 11.05
CA TRP C 116 5.38 -10.00 9.64
C TRP C 116 4.46 -11.20 9.37
N VAL C 117 3.32 -11.25 10.07
CA VAL C 117 2.37 -12.35 9.89
C VAL C 117 1.66 -12.20 8.55
N MET C 118 1.34 -13.32 7.92
CA MET C 118 0.70 -13.30 6.62
C MET C 118 -0.57 -14.11 6.53
N THR C 119 -0.84 -15.00 7.47
CA THR C 119 -2.06 -15.79 7.42
C THR C 119 -2.54 -16.07 8.83
N CYS C 120 -3.82 -16.44 8.93
CA CYS C 120 -4.41 -16.81 10.21
C CYS C 120 -5.63 -17.67 9.93
N ALA C 121 -5.84 -18.68 10.77
CA ALA C 121 -6.95 -19.61 10.64
C ALA C 121 -7.67 -19.72 11.97
N TYR C 122 -8.87 -20.29 11.95
CA TYR C 122 -9.66 -20.46 13.16
C TYR C 122 -10.09 -21.91 13.21
N ALA C 123 -9.59 -22.64 14.20
CA ALA C 123 -9.86 -24.07 14.27
C ALA C 123 -11.36 -24.31 14.35
N PRO C 124 -11.87 -25.37 13.72
CA PRO C 124 -13.31 -25.59 13.73
C PRO C 124 -13.88 -25.85 15.11
N SER C 125 -13.06 -26.23 16.07
CA SER C 125 -13.48 -26.39 17.45
C SER C 125 -13.45 -25.09 18.25
N GLY C 126 -12.97 -24.01 17.67
CA GLY C 126 -12.87 -22.76 18.39
C GLY C 126 -11.82 -22.74 19.48
N ASN C 127 -11.02 -23.80 19.60
CA ASN C 127 -10.02 -23.90 20.64
C ASN C 127 -8.71 -23.24 20.29
N TYR C 128 -8.38 -23.12 19.00
CA TYR C 128 -7.06 -22.66 18.60
C TYR C 128 -7.14 -21.63 17.49
N VAL C 129 -6.15 -20.75 17.47
CA VAL C 129 -5.91 -19.85 16.36
C VAL C 129 -4.51 -20.16 15.86
N ALA C 130 -4.25 -19.91 14.58
CA ALA C 130 -2.93 -20.15 14.04
C ALA C 130 -2.46 -18.94 13.26
N CYS C 131 -1.16 -18.86 13.06
CA CYS C 131 -0.63 -17.75 12.27
C CYS C 131 0.84 -18.03 11.94
N GLY C 132 1.30 -17.40 10.87
CA GLY C 132 2.69 -17.55 10.48
C GLY C 132 3.02 -16.50 9.45
N GLY C 133 4.29 -16.41 9.10
CA GLY C 133 4.69 -15.39 8.16
C GLY C 133 6.12 -15.48 7.69
N LEU C 134 6.81 -14.34 7.64
CA LEU C 134 8.17 -14.32 7.14
C LEU C 134 9.14 -15.02 8.06
N ASP C 135 8.73 -15.41 9.26
CA ASP C 135 9.59 -16.19 10.13
C ASP C 135 9.67 -17.65 9.71
N ASN C 136 8.92 -18.06 8.69
CA ASN C 136 8.90 -19.43 8.21
C ASN C 136 8.41 -20.42 9.26
N ILE C 137 7.57 -19.96 10.20
CA ILE C 137 7.15 -20.76 11.34
C ILE C 137 5.64 -20.63 11.45
N CYS C 138 4.95 -21.74 11.68
CA CYS C 138 3.53 -21.69 12.00
C CYS C 138 3.27 -21.84 13.49
N SER C 139 2.69 -20.82 14.11
CA SER C 139 2.50 -20.81 15.55
C SER C 139 1.02 -21.06 15.83
N ILE C 140 0.75 -22.02 16.71
CA ILE C 140 -0.61 -22.32 17.16
C ILE C 140 -0.77 -21.78 18.57
N TYR C 141 -1.90 -21.12 18.83
CA TYR C 141 -2.19 -20.56 20.14
C TYR C 141 -3.50 -21.11 20.68
N ASN C 142 -3.45 -21.59 21.92
CA ASN C 142 -4.61 -22.18 22.61
C ASN C 142 -5.37 -21.09 23.34
N LEU C 143 -6.56 -20.76 22.88
CA LEU C 143 -7.41 -19.77 23.53
C LEU C 143 -8.05 -20.28 24.81
N LYS C 144 -8.25 -21.59 24.94
CA LYS C 144 -8.88 -22.21 26.10
C LYS C 144 -7.87 -22.64 27.16
N THR C 145 -6.77 -21.92 27.28
CA THR C 145 -5.78 -22.20 28.30
C THR C 145 -6.41 -22.08 29.69
N ARG C 146 -5.74 -22.73 30.65
CA ARG C 146 -6.26 -22.96 31.99
C ARG C 146 -5.69 -22.02 33.04
N GLU C 147 -4.62 -21.28 32.73
CA GLU C 147 -4.09 -20.32 33.69
C GLU C 147 -4.67 -18.92 33.56
N GLY C 148 -5.54 -18.68 32.58
CA GLY C 148 -5.94 -17.30 32.34
C GLY C 148 -5.71 -16.71 30.96
N ASN C 149 -4.46 -16.64 30.50
CA ASN C 149 -4.14 -15.85 29.33
C ASN C 149 -3.66 -16.72 28.18
N VAL C 150 -4.07 -16.35 26.97
CA VAL C 150 -3.60 -16.97 25.74
C VAL C 150 -2.10 -16.82 25.55
N ARG C 151 -1.44 -17.93 25.25
CA ARG C 151 0.00 -17.96 25.05
C ARG C 151 0.26 -18.94 23.92
N VAL C 152 1.52 -19.15 23.61
CA VAL C 152 1.86 -20.04 22.51
C VAL C 152 1.69 -21.46 22.99
N SER C 153 1.15 -22.31 22.12
CA SER C 153 0.99 -23.72 22.42
C SER C 153 1.91 -24.56 21.54
N ARG C 154 1.81 -24.41 20.23
CA ARG C 154 2.74 -25.12 19.37
C ARG C 154 3.41 -24.13 18.44
N GLU C 155 4.44 -24.61 17.76
CA GLU C 155 5.21 -23.75 16.87
C GLU C 155 5.96 -24.70 15.93
N LEU C 156 5.57 -24.65 14.68
CA LEU C 156 5.96 -25.60 13.65
C LEU C 156 7.08 -25.05 12.79
N ALA C 157 8.21 -25.74 12.80
CA ALA C 157 9.39 -25.30 12.09
C ALA C 157 9.69 -26.35 11.03
N GLY C 158 10.34 -25.92 9.96
CA GLY C 158 10.78 -26.88 8.97
C GLY C 158 10.77 -26.26 7.59
N HIS C 159 10.00 -25.19 7.42
CA HIS C 159 9.83 -24.59 6.10
C HIS C 159 11.03 -23.71 5.83
N THR C 160 11.50 -23.71 4.58
CA THR C 160 12.55 -22.79 4.16
C THR C 160 12.01 -21.54 3.49
N GLY C 161 10.70 -21.32 3.53
CA GLY C 161 10.11 -20.14 2.92
C GLY C 161 9.01 -19.57 3.80
N TYR C 162 8.46 -18.46 3.35
CA TYR C 162 7.48 -17.74 4.15
C TYR C 162 6.13 -18.42 4.05
N LEU C 163 5.41 -18.49 5.16
CA LEU C 163 4.13 -19.19 5.21
C LEU C 163 3.04 -18.25 4.70
N SER C 164 2.30 -18.69 3.69
CA SER C 164 1.31 -17.85 3.05
C SER C 164 -0.11 -18.17 3.43
N CYS C 165 -0.41 -19.41 3.80
CA CYS C 165 -1.78 -19.77 4.17
C CYS C 165 -1.72 -21.05 4.99
N CYS C 166 -2.72 -21.22 5.83
CA CYS C 166 -2.79 -22.40 6.68
C CYS C 166 -4.23 -22.58 7.15
N ARG C 167 -4.66 -23.83 7.26
CA ARG C 167 -6.03 -24.12 7.65
C ARG C 167 -6.03 -25.40 8.45
N PHE C 168 -6.79 -25.40 9.54
CA PHE C 168 -6.92 -26.59 10.36
C PHE C 168 -7.81 -27.64 9.70
N LEU C 169 -7.48 -28.90 9.93
CA LEU C 169 -8.40 -30.00 9.70
C LEU C 169 -9.16 -30.33 10.96
N ASP C 170 -8.44 -30.58 12.06
CA ASP C 170 -9.03 -30.71 13.39
C ASP C 170 -8.08 -30.06 14.38
N ASP C 171 -8.29 -30.32 15.65
CA ASP C 171 -7.49 -29.67 16.69
C ASP C 171 -6.07 -30.21 16.75
N ASN C 172 -5.71 -31.18 15.91
CA ASN C 172 -4.37 -31.74 15.93
C ASN C 172 -3.68 -31.81 14.57
N GLN C 173 -4.40 -31.57 13.47
CA GLN C 173 -3.84 -31.59 12.12
C GLN C 173 -3.97 -30.22 11.49
N ILE C 174 -2.91 -29.74 10.86
CA ILE C 174 -2.94 -28.44 10.21
C ILE C 174 -2.16 -28.48 8.91
N VAL C 175 -2.69 -27.86 7.86
CA VAL C 175 -2.03 -27.82 6.56
C VAL C 175 -1.50 -26.42 6.34
N THR C 176 -0.31 -26.34 5.78
CA THR C 176 0.36 -25.07 5.57
C THR C 176 0.78 -24.97 4.11
N SER C 177 0.92 -23.74 3.64
CA SER C 177 1.42 -23.42 2.31
C SER C 177 2.59 -22.47 2.47
N SER C 178 3.65 -22.65 1.67
CA SER C 178 4.83 -21.84 1.93
C SER C 178 5.42 -21.36 0.63
N GLY C 179 6.31 -20.38 0.75
CA GLY C 179 6.98 -19.84 -0.39
C GLY C 179 8.13 -20.65 -0.92
N ASP C 180 8.46 -21.75 -0.26
CA ASP C 180 9.44 -22.67 -0.80
C ASP C 180 8.83 -23.60 -1.82
N THR C 181 7.66 -23.22 -2.34
CA THR C 181 6.91 -23.93 -3.37
C THR C 181 6.36 -25.25 -2.89
N THR C 182 6.18 -25.41 -1.58
CA THR C 182 5.65 -26.65 -1.03
C THR C 182 4.54 -26.37 -0.04
N CYS C 183 3.68 -27.36 0.12
CA CYS C 183 2.67 -27.38 1.17
C CYS C 183 2.96 -28.56 2.07
N ALA C 184 2.46 -28.50 3.30
CA ALA C 184 2.79 -29.57 4.23
C ALA C 184 1.62 -29.79 5.17
N LEU C 185 1.35 -31.06 5.46
CA LEU C 185 0.39 -31.41 6.49
C LEU C 185 1.15 -31.80 7.75
N TRP C 186 0.78 -31.16 8.86
CA TRP C 186 1.48 -31.25 10.12
C TRP C 186 0.61 -31.95 11.16
N ASP C 187 1.28 -32.67 12.06
CA ASP C 187 0.72 -33.19 13.29
C ASP C 187 1.22 -32.31 14.45
N ILE C 188 0.32 -31.46 14.94
CA ILE C 188 0.68 -30.38 15.86
C ILE C 188 1.42 -30.90 17.08
N GLU C 189 1.03 -32.07 17.59
CA GLU C 189 1.67 -32.57 18.81
C GLU C 189 3.14 -32.91 18.56
N THR C 190 3.42 -33.85 17.65
CA THR C 190 4.82 -34.20 17.42
C THR C 190 5.60 -33.08 16.75
N GLY C 191 4.93 -32.14 16.09
CA GLY C 191 5.59 -31.07 15.36
C GLY C 191 6.28 -31.51 14.08
N GLN C 192 6.00 -32.73 13.63
CA GLN C 192 6.59 -33.31 12.43
C GLN C 192 5.69 -33.09 11.23
N GLN C 193 6.29 -32.86 10.08
CA GLN C 193 5.50 -32.75 8.84
C GLN C 193 5.09 -34.17 8.48
N THR C 194 3.86 -34.53 8.83
CA THR C 194 3.41 -35.88 8.53
C THR C 194 3.24 -36.12 7.04
N THR C 195 3.11 -35.07 6.24
CA THR C 195 2.95 -35.28 4.81
C THR C 195 3.45 -34.04 4.08
N THR C 196 4.15 -34.25 2.97
CA THR C 196 4.67 -33.13 2.20
C THR C 196 4.08 -33.16 0.81
N PHE C 197 3.73 -31.99 0.28
CA PHE C 197 3.14 -31.82 -1.04
C PHE C 197 4.10 -30.93 -1.81
N THR C 198 4.76 -31.51 -2.81
CA THR C 198 5.68 -30.80 -3.67
C THR C 198 5.26 -30.96 -5.12
N GLY C 199 5.65 -30.00 -5.94
CA GLY C 199 5.30 -30.05 -7.34
C GLY C 199 5.05 -28.67 -7.92
N HIS C 200 4.80 -27.69 -7.06
CA HIS C 200 4.60 -26.33 -7.54
C HIS C 200 5.94 -25.72 -7.90
N THR C 201 5.94 -24.90 -8.96
CA THR C 201 7.15 -24.24 -9.41
C THR C 201 7.38 -22.89 -8.73
N GLY C 202 6.31 -22.11 -8.57
CA GLY C 202 6.37 -20.83 -7.91
C GLY C 202 5.85 -20.86 -6.49
N ASP C 203 5.85 -19.68 -5.87
CA ASP C 203 5.42 -19.57 -4.49
C ASP C 203 3.95 -19.93 -4.39
N VAL C 204 3.62 -20.84 -3.50
CA VAL C 204 2.23 -21.19 -3.23
C VAL C 204 1.60 -20.08 -2.42
N MET C 205 0.51 -19.49 -2.93
CA MET C 205 -0.08 -18.34 -2.27
C MET C 205 -1.35 -18.64 -1.49
N SER C 206 -2.16 -19.61 -1.91
CA SER C 206 -3.41 -19.84 -1.20
C SER C 206 -3.84 -21.29 -1.32
N LEU C 207 -4.48 -21.79 -0.27
CA LEU C 207 -5.07 -23.12 -0.28
C LEU C 207 -6.47 -23.04 0.31
N SER C 208 -7.30 -24.01 -0.07
CA SER C 208 -8.68 -24.09 0.40
C SER C 208 -9.04 -25.56 0.58
N LEU C 209 -9.46 -25.93 1.78
CA LEU C 209 -9.82 -27.30 2.08
C LEU C 209 -11.24 -27.61 1.63
N ALA C 210 -11.42 -28.81 1.09
CA ALA C 210 -12.75 -29.26 0.71
C ALA C 210 -13.64 -29.36 1.95
N PRO C 211 -14.96 -29.25 1.78
CA PRO C 211 -15.86 -29.30 2.94
C PRO C 211 -15.76 -30.59 3.74
N ASP C 212 -15.14 -31.64 3.20
CA ASP C 212 -15.03 -32.91 3.90
C ASP C 212 -13.60 -33.23 4.31
N THR C 213 -12.69 -32.25 4.25
CA THR C 213 -11.33 -32.38 4.76
C THR C 213 -10.53 -33.38 3.91
N ARG C 214 -11.21 -34.04 2.96
CA ARG C 214 -10.61 -35.17 2.27
C ARG C 214 -9.61 -34.70 1.22
N LEU C 215 -9.89 -33.58 0.55
CA LEU C 215 -9.01 -33.05 -0.47
C LEU C 215 -8.80 -31.58 -0.21
N PHE C 216 -7.84 -30.98 -0.92
CA PHE C 216 -7.69 -29.54 -0.81
C PHE C 216 -6.98 -29.05 -2.06
N VAL C 217 -7.26 -27.82 -2.45
CA VAL C 217 -6.64 -27.26 -3.63
C VAL C 217 -5.69 -26.16 -3.21
N SER C 218 -4.77 -25.83 -4.12
CA SER C 218 -3.76 -24.83 -3.84
C SER C 218 -3.48 -24.04 -5.11
N GLY C 219 -3.33 -22.73 -4.96
CA GLY C 219 -3.00 -21.85 -6.07
C GLY C 219 -1.61 -21.29 -5.86
N ALA C 220 -0.77 -21.42 -6.86
CA ALA C 220 0.61 -21.01 -6.68
C ALA C 220 0.99 -19.91 -7.66
N CYS C 221 2.20 -19.39 -7.48
CA CYS C 221 2.70 -18.30 -8.31
C CYS C 221 3.18 -18.76 -9.67
N ASP C 222 3.11 -20.05 -9.97
CA ASP C 222 3.38 -20.53 -11.31
C ASP C 222 2.12 -20.52 -12.17
N ALA C 223 1.13 -19.72 -11.80
CA ALA C 223 -0.11 -19.57 -12.57
C ALA C 223 -0.88 -20.87 -12.68
N SER C 224 -0.75 -21.74 -11.69
CA SER C 224 -1.40 -23.05 -11.71
C SER C 224 -2.06 -23.34 -10.38
N ALA C 225 -3.16 -24.09 -10.43
CA ALA C 225 -3.82 -24.61 -9.24
C ALA C 225 -3.70 -26.13 -9.25
N LYS C 226 -3.56 -26.73 -8.09
CA LYS C 226 -3.41 -28.16 -7.98
C LYS C 226 -4.35 -28.71 -6.91
N LEU C 227 -5.02 -29.82 -7.22
CA LEU C 227 -5.84 -30.53 -6.27
C LEU C 227 -5.02 -31.64 -5.63
N TRP C 228 -4.98 -31.66 -4.30
CA TRP C 228 -4.16 -32.57 -3.53
C TRP C 228 -5.03 -33.49 -2.69
N ASP C 229 -4.64 -34.76 -2.68
CA ASP C 229 -5.20 -35.78 -1.80
C ASP C 229 -4.50 -35.73 -0.45
N VAL C 230 -5.25 -35.36 0.59
CA VAL C 230 -4.66 -35.09 1.89
C VAL C 230 -3.96 -36.32 2.45
N ARG C 231 -4.64 -37.47 2.45
CA ARG C 231 -4.12 -38.64 3.12
C ARG C 231 -3.01 -39.35 2.35
N GLU C 232 -2.92 -39.16 1.03
CA GLU C 232 -1.95 -39.88 0.24
C GLU C 232 -0.79 -39.02 -0.25
N GLY C 233 -0.93 -37.70 -0.26
CA GLY C 233 0.20 -36.85 -0.53
C GLY C 233 0.52 -36.70 -1.99
N MET C 234 -0.43 -37.03 -2.87
CA MET C 234 -0.26 -36.96 -4.30
C MET C 234 -1.14 -35.87 -4.88
N CYS C 235 -0.66 -35.26 -5.96
CA CYS C 235 -1.43 -34.26 -6.70
C CYS C 235 -2.31 -34.99 -7.71
N ARG C 236 -3.62 -34.81 -7.59
CA ARG C 236 -4.53 -35.55 -8.45
C ARG C 236 -4.76 -34.85 -9.79
N GLN C 237 -5.04 -33.56 -9.76
CA GLN C 237 -5.35 -32.80 -10.96
C GLN C 237 -4.64 -31.46 -10.90
N THR C 238 -4.15 -30.99 -12.04
CA THR C 238 -3.55 -29.67 -12.12
C THR C 238 -4.31 -28.86 -13.16
N PHE C 239 -4.81 -27.70 -12.76
CA PHE C 239 -5.59 -26.82 -13.60
C PHE C 239 -4.77 -25.58 -13.93
N THR C 240 -4.90 -25.12 -15.17
CA THR C 240 -4.21 -23.95 -15.66
C THR C 240 -5.21 -23.06 -16.37
N GLY C 241 -4.73 -21.94 -16.88
CA GLY C 241 -5.59 -21.01 -17.57
C GLY C 241 -5.28 -19.58 -17.21
N HIS C 242 -4.86 -19.33 -15.97
CA HIS C 242 -4.45 -17.98 -15.61
C HIS C 242 -3.14 -17.60 -16.29
N GLU C 243 -3.03 -16.31 -16.61
CA GLU C 243 -1.86 -15.75 -17.27
C GLU C 243 -0.80 -15.26 -16.29
N SER C 244 -1.07 -15.28 -14.99
CA SER C 244 -0.14 -14.69 -14.03
C SER C 244 -0.43 -15.30 -12.66
N ASP C 245 0.17 -14.68 -11.64
CA ASP C 245 0.21 -15.27 -10.31
C ASP C 245 -1.20 -15.45 -9.77
N ILE C 246 -1.50 -16.64 -9.27
CA ILE C 246 -2.77 -16.89 -8.59
C ILE C 246 -2.67 -16.43 -7.14
N ASN C 247 -3.59 -15.54 -6.74
CA ASN C 247 -3.53 -14.96 -5.41
C ASN C 247 -4.56 -15.50 -4.44
N ALA C 248 -5.66 -16.06 -4.91
CA ALA C 248 -6.71 -16.52 -4.02
C ALA C 248 -7.41 -17.73 -4.60
N ILE C 249 -8.03 -18.51 -3.72
CA ILE C 249 -8.72 -19.73 -4.12
C ILE C 249 -9.72 -20.08 -3.03
N CYS C 250 -10.78 -20.78 -3.42
N CYS C 250 -10.79 -20.77 -3.42
CA CYS C 250 -11.81 -21.22 -2.50
CA CYS C 250 -11.76 -21.29 -2.46
C CYS C 250 -12.58 -22.37 -3.16
C CYS C 250 -12.58 -22.37 -3.14
N PHE C 251 -13.31 -23.11 -2.33
CA PHE C 251 -14.14 -24.21 -2.82
C PHE C 251 -15.59 -23.79 -3.00
N PHE C 252 -16.23 -24.33 -4.04
CA PHE C 252 -17.67 -24.23 -4.14
C PHE C 252 -18.28 -25.02 -2.99
N PRO C 253 -19.35 -24.54 -2.37
CA PRO C 253 -19.91 -25.27 -1.22
C PRO C 253 -20.27 -26.72 -1.51
N ASN C 254 -20.52 -27.07 -2.77
CA ASN C 254 -20.86 -28.45 -3.08
C ASN C 254 -19.64 -29.35 -2.95
N GLY C 255 -18.47 -28.85 -3.35
CA GLY C 255 -17.25 -29.62 -3.29
C GLY C 255 -16.74 -30.09 -4.62
N ASN C 256 -17.52 -29.95 -5.69
CA ASN C 256 -17.11 -30.37 -7.04
C ASN C 256 -16.79 -29.19 -7.94
N ALA C 257 -16.40 -28.05 -7.37
CA ALA C 257 -16.03 -26.90 -8.16
C ALA C 257 -15.21 -25.97 -7.29
N PHE C 258 -14.47 -25.07 -7.94
CA PHE C 258 -13.70 -24.11 -7.17
C PHE C 258 -13.40 -22.91 -8.04
N ALA C 259 -13.14 -21.79 -7.39
CA ALA C 259 -12.88 -20.54 -8.08
C ALA C 259 -11.49 -20.05 -7.74
N THR C 260 -10.88 -19.38 -8.70
CA THR C 260 -9.53 -18.86 -8.52
C THR C 260 -9.51 -17.41 -8.95
N GLY C 261 -8.66 -16.64 -8.29
CA GLY C 261 -8.42 -15.27 -8.70
C GLY C 261 -6.93 -15.07 -8.85
N SER C 262 -6.53 -14.27 -9.85
CA SER C 262 -5.12 -14.18 -10.14
C SER C 262 -4.76 -12.72 -10.37
N ASP C 263 -3.47 -12.46 -10.57
CA ASP C 263 -3.02 -11.09 -10.73
C ASP C 263 -3.42 -10.49 -12.08
N ASP C 264 -3.82 -11.31 -13.04
CA ASP C 264 -4.23 -10.82 -14.36
C ASP C 264 -5.64 -10.27 -14.37
N ALA C 265 -6.19 -9.96 -13.20
CA ALA C 265 -7.50 -9.33 -13.06
C ALA C 265 -8.65 -10.18 -13.60
N THR C 266 -8.64 -11.47 -13.31
CA THR C 266 -9.68 -12.35 -13.80
C THR C 266 -9.96 -13.40 -12.73
N CYS C 267 -11.21 -13.82 -12.65
CA CYS C 267 -11.61 -14.94 -11.81
C CYS C 267 -12.02 -16.08 -12.70
N ARG C 268 -11.71 -17.30 -12.31
CA ARG C 268 -12.06 -18.42 -13.15
C ARG C 268 -12.66 -19.52 -12.29
N LEU C 269 -13.71 -20.15 -12.81
CA LEU C 269 -14.38 -21.22 -12.12
C LEU C 269 -14.04 -22.50 -12.86
N PHE C 270 -13.41 -23.43 -12.15
CA PHE C 270 -13.03 -24.74 -12.61
C PHE C 270 -13.89 -25.80 -11.95
N ASP C 271 -14.14 -26.88 -12.67
CA ASP C 271 -14.82 -28.02 -12.10
C ASP C 271 -13.81 -29.14 -11.90
N LEU C 272 -14.00 -29.90 -10.82
CA LEU C 272 -13.09 -30.98 -10.49
C LEU C 272 -13.33 -32.21 -11.36
N ARG C 273 -14.60 -32.58 -11.55
CA ARG C 273 -14.94 -33.80 -12.26
C ARG C 273 -14.76 -33.65 -13.77
N ALA C 274 -14.92 -32.45 -14.30
CA ALA C 274 -14.68 -32.23 -15.72
C ALA C 274 -13.23 -31.91 -16.03
N ASP C 275 -12.47 -31.46 -15.04
CA ASP C 275 -11.02 -31.29 -15.14
C ASP C 275 -10.67 -30.27 -16.23
N GLN C 276 -11.31 -29.12 -16.15
CA GLN C 276 -10.98 -27.98 -17.02
C GLN C 276 -11.77 -26.78 -16.52
N GLU C 277 -11.44 -25.63 -17.09
CA GLU C 277 -12.13 -24.40 -16.71
C GLU C 277 -13.55 -24.38 -17.23
N LEU C 278 -14.45 -23.83 -16.42
CA LEU C 278 -15.86 -23.70 -16.77
C LEU C 278 -16.27 -22.28 -17.08
N MET C 279 -15.73 -21.27 -16.39
CA MET C 279 -16.26 -19.93 -16.66
C MET C 279 -15.25 -18.89 -16.23
N THR C 280 -15.26 -17.74 -16.91
CA THR C 280 -14.33 -16.66 -16.60
C THR C 280 -15.07 -15.37 -16.30
N TYR C 281 -14.70 -14.73 -15.20
CA TYR C 281 -15.37 -13.55 -14.67
C TYR C 281 -14.39 -12.39 -14.80
N SER C 282 -14.70 -11.44 -15.67
CA SER C 282 -13.78 -10.35 -15.93
C SER C 282 -14.54 -9.20 -16.54
N HIS C 283 -13.95 -8.02 -16.46
CA HIS C 283 -14.43 -6.83 -17.14
C HIS C 283 -13.23 -6.03 -17.64
N ASP C 284 -13.38 -5.38 -18.78
CA ASP C 284 -12.24 -4.68 -19.33
C ASP C 284 -11.94 -3.37 -18.61
N ASN C 285 -12.73 -2.98 -17.62
CA ASN C 285 -12.37 -1.85 -16.77
C ASN C 285 -11.68 -2.24 -15.47
N ILE C 286 -11.50 -3.52 -15.20
CA ILE C 286 -10.79 -3.97 -14.00
C ILE C 286 -9.44 -4.53 -14.43
N ILE C 287 -8.36 -3.85 -14.05
CA ILE C 287 -7.01 -4.19 -14.46
C ILE C 287 -6.11 -4.48 -13.25
N CYS C 288 -6.70 -4.71 -12.08
N CYS C 288 -6.70 -4.71 -12.08
CA CYS C 288 -5.94 -4.89 -10.86
CA CYS C 288 -5.98 -4.88 -10.84
C CYS C 288 -5.99 -6.35 -10.39
C CYS C 288 -5.98 -6.35 -10.41
N GLY C 289 -5.04 -6.69 -9.53
CA GLY C 289 -4.87 -8.08 -9.14
C GLY C 289 -5.82 -8.51 -8.02
N ILE C 290 -6.55 -9.59 -8.28
CA ILE C 290 -7.51 -10.10 -7.32
C ILE C 290 -6.78 -10.64 -6.10
N THR C 291 -7.26 -10.29 -4.91
CA THR C 291 -6.56 -10.63 -3.68
C THR C 291 -7.25 -11.71 -2.87
N SER C 292 -8.57 -11.82 -2.96
CA SER C 292 -9.31 -12.79 -2.16
C SER C 292 -10.59 -13.18 -2.90
N VAL C 293 -11.02 -14.41 -2.69
CA VAL C 293 -12.24 -14.94 -3.30
C VAL C 293 -12.98 -15.77 -2.26
N SER C 294 -14.31 -15.80 -2.36
CA SER C 294 -15.11 -16.61 -1.46
C SER C 294 -16.52 -16.73 -2.00
N PHE C 295 -17.13 -17.89 -1.83
CA PHE C 295 -18.48 -18.11 -2.29
C PHE C 295 -19.48 -17.76 -1.18
N SER C 296 -20.72 -17.53 -1.58
CA SER C 296 -21.78 -17.42 -0.59
C SER C 296 -22.16 -18.80 -0.07
N LYS C 297 -23.16 -18.85 0.81
CA LYS C 297 -23.53 -20.12 1.42
C LYS C 297 -24.10 -21.08 0.38
N SER C 298 -24.86 -20.57 -0.57
CA SER C 298 -25.46 -21.40 -1.61
C SER C 298 -24.58 -21.48 -2.85
N GLY C 299 -23.48 -20.74 -2.88
CA GLY C 299 -22.62 -20.73 -4.02
C GLY C 299 -23.13 -19.92 -5.18
N ARG C 300 -24.28 -19.26 -5.03
CA ARG C 300 -24.79 -18.45 -6.12
C ARG C 300 -24.01 -17.16 -6.27
N LEU C 301 -23.48 -16.62 -5.18
CA LEU C 301 -22.75 -15.37 -5.25
C LEU C 301 -21.27 -15.63 -4.99
N LEU C 302 -20.41 -15.03 -5.79
CA LEU C 302 -18.96 -15.15 -5.64
C LEU C 302 -18.40 -13.78 -5.36
N LEU C 303 -17.82 -13.58 -4.20
CA LEU C 303 -17.25 -12.29 -3.85
C LEU C 303 -15.76 -12.33 -4.06
N ALA C 304 -15.22 -11.29 -4.66
CA ALA C 304 -13.80 -11.23 -4.95
C ALA C 304 -13.28 -9.87 -4.53
N GLY C 305 -12.13 -9.85 -3.87
CA GLY C 305 -11.49 -8.62 -3.45
C GLY C 305 -10.40 -8.20 -4.41
N TYR C 306 -10.50 -6.96 -4.87
CA TYR C 306 -9.61 -6.46 -5.91
C TYR C 306 -8.60 -5.48 -5.32
N ASP C 307 -7.57 -5.17 -6.10
CA ASP C 307 -6.59 -4.19 -5.64
C ASP C 307 -7.12 -2.76 -5.71
N ASP C 308 -8.19 -2.52 -6.47
CA ASP C 308 -8.67 -1.16 -6.64
C ASP C 308 -9.54 -0.70 -5.48
N PHE C 309 -9.40 -1.34 -4.33
CA PHE C 309 -10.01 -1.00 -3.05
C PHE C 309 -11.46 -1.47 -2.95
N ASN C 310 -12.01 -2.10 -3.98
CA ASN C 310 -13.41 -2.51 -4.00
C ASN C 310 -13.50 -4.02 -3.90
N CYS C 311 -14.71 -4.53 -3.65
CA CYS C 311 -14.99 -5.95 -3.72
C CYS C 311 -16.15 -6.18 -4.66
N ASN C 312 -15.96 -7.00 -5.68
CA ASN C 312 -17.03 -7.23 -6.63
C ASN C 312 -17.76 -8.52 -6.31
N VAL C 313 -19.09 -8.46 -6.32
CA VAL C 313 -19.96 -9.60 -6.10
C VAL C 313 -20.49 -10.03 -7.44
N TRP C 314 -20.06 -11.20 -7.90
CA TRP C 314 -20.42 -11.76 -9.19
C TRP C 314 -21.50 -12.81 -9.02
N ASP C 315 -22.31 -12.96 -10.06
CA ASP C 315 -23.28 -14.05 -10.12
C ASP C 315 -22.55 -15.26 -10.67
N ALA C 316 -22.29 -16.24 -9.82
CA ALA C 316 -21.43 -17.37 -10.17
C ALA C 316 -21.97 -18.21 -11.30
N LEU C 317 -23.20 -18.00 -11.75
CA LEU C 317 -23.71 -18.82 -12.85
C LEU C 317 -23.74 -18.08 -14.19
N LYS C 318 -23.89 -16.76 -14.20
CA LYS C 318 -24.05 -16.03 -15.45
C LYS C 318 -22.84 -15.18 -15.78
N ALA C 319 -21.82 -15.14 -14.90
CA ALA C 319 -20.61 -14.35 -15.05
C ALA C 319 -20.87 -12.86 -15.10
N ASP C 320 -22.10 -12.43 -14.89
CA ASP C 320 -22.40 -11.01 -14.85
C ASP C 320 -22.01 -10.47 -13.49
N ARG C 321 -21.48 -9.26 -13.45
CA ARG C 321 -21.23 -8.61 -12.18
C ARG C 321 -22.51 -8.00 -11.66
N ALA C 322 -22.79 -8.22 -10.39
CA ALA C 322 -24.07 -7.87 -9.81
C ALA C 322 -23.98 -6.75 -8.79
N GLY C 323 -23.10 -6.85 -7.80
CA GLY C 323 -23.03 -5.79 -6.82
C GLY C 323 -21.60 -5.46 -6.46
N VAL C 324 -21.42 -4.32 -5.83
CA VAL C 324 -20.09 -3.92 -5.40
C VAL C 324 -20.14 -3.59 -3.91
N LEU C 325 -18.99 -3.76 -3.26
CA LEU C 325 -18.82 -3.44 -1.86
C LEU C 325 -17.65 -2.47 -1.91
N ALA C 326 -17.95 -1.20 -2.12
CA ALA C 326 -16.97 -0.13 -2.12
C ALA C 326 -16.89 0.53 -0.76
N GLY C 327 -16.06 0.00 0.12
CA GLY C 327 -16.00 0.64 1.41
C GLY C 327 -14.61 0.81 1.97
N HIS C 328 -13.62 0.22 1.34
CA HIS C 328 -12.24 0.37 1.76
C HIS C 328 -11.51 1.42 0.95
N ASP C 329 -10.59 2.11 1.61
CA ASP C 329 -9.78 3.18 1.03
C ASP C 329 -8.41 2.70 0.62
N ASN C 330 -8.15 1.40 0.70
CA ASN C 330 -6.88 0.82 0.28
C ASN C 330 -7.17 -0.62 -0.13
N ARG C 331 -6.12 -1.33 -0.54
CA ARG C 331 -6.31 -2.65 -1.10
C ARG C 331 -6.98 -3.60 -0.11
N VAL C 332 -8.06 -4.23 -0.55
CA VAL C 332 -8.72 -5.27 0.24
C VAL C 332 -7.87 -6.53 0.24
N SER C 333 -7.33 -6.89 1.40
CA SER C 333 -6.36 -7.98 1.48
C SER C 333 -6.99 -9.34 1.72
N CYS C 334 -8.22 -9.41 2.23
CA CYS C 334 -8.78 -10.70 2.59
C CYS C 334 -10.29 -10.59 2.70
N LEU C 335 -10.96 -11.74 2.65
CA LEU C 335 -12.40 -11.78 2.85
C LEU C 335 -12.82 -13.15 3.31
N GLY C 336 -14.08 -13.23 3.70
CA GLY C 336 -14.63 -14.50 4.16
C GLY C 336 -16.10 -14.46 4.45
N VAL C 337 -16.82 -15.47 4.03
CA VAL C 337 -18.26 -15.56 4.25
C VAL C 337 -18.48 -16.45 5.47
N THR C 338 -19.47 -16.11 6.28
CA THR C 338 -19.79 -16.93 7.43
C THR C 338 -20.35 -18.28 6.99
N ASP C 339 -20.30 -19.26 7.89
CA ASP C 339 -20.80 -20.58 7.56
C ASP C 339 -22.32 -20.63 7.51
N ASP C 340 -22.99 -19.69 8.15
CA ASP C 340 -24.43 -19.57 8.01
C ASP C 340 -24.82 -18.66 6.87
N GLY C 341 -23.84 -18.05 6.21
CA GLY C 341 -24.13 -17.17 5.10
C GLY C 341 -24.72 -15.84 5.47
N MET C 342 -24.71 -15.47 6.75
CA MET C 342 -25.41 -14.26 7.14
C MET C 342 -24.65 -13.01 6.79
N ALA C 343 -23.33 -13.07 6.65
CA ALA C 343 -22.57 -11.84 6.40
C ALA C 343 -21.22 -12.22 5.83
N VAL C 344 -20.56 -11.24 5.22
CA VAL C 344 -19.21 -11.41 4.71
C VAL C 344 -18.31 -10.36 5.34
N ALA C 345 -17.08 -10.73 5.66
CA ALA C 345 -16.15 -9.75 6.20
C ALA C 345 -15.05 -9.47 5.20
N THR C 346 -14.54 -8.25 5.25
CA THR C 346 -13.48 -7.81 4.34
C THR C 346 -12.42 -7.10 5.15
N GLY C 347 -11.19 -7.57 5.02
CA GLY C 347 -10.02 -6.95 5.60
C GLY C 347 -9.20 -6.28 4.52
N SER C 348 -8.68 -5.10 4.82
CA SER C 348 -7.96 -4.29 3.85
C SER C 348 -6.68 -3.80 4.47
N TRP C 349 -5.86 -3.15 3.68
CA TRP C 349 -4.61 -2.59 4.19
C TRP C 349 -4.81 -1.27 4.89
N ASP C 350 -6.05 -0.88 5.19
CA ASP C 350 -6.29 0.29 6.00
C ASP C 350 -6.38 -0.04 7.48
N SER C 351 -6.13 -1.29 7.87
CA SER C 351 -6.20 -1.71 9.25
C SER C 351 -7.64 -1.67 9.78
N PHE C 352 -8.60 -2.09 8.97
CA PHE C 352 -10.00 -2.14 9.36
C PHE C 352 -10.63 -3.37 8.75
N LEU C 353 -11.54 -3.98 9.48
CA LEU C 353 -12.39 -5.05 8.99
C LEU C 353 -13.81 -4.54 8.92
N LYS C 354 -14.54 -4.92 7.90
CA LYS C 354 -15.91 -4.45 7.75
C LYS C 354 -16.79 -5.65 7.49
N ILE C 355 -17.91 -5.71 8.19
CA ILE C 355 -18.91 -6.76 8.03
C ILE C 355 -20.00 -6.25 7.11
N TRP C 356 -20.46 -7.09 6.20
CA TRP C 356 -21.45 -6.70 5.20
C TRP C 356 -22.58 -7.70 5.24
N ASN C 357 -23.79 -7.19 5.13
CA ASN C 357 -24.95 -8.01 4.85
C ASN C 357 -26.13 -7.14 4.47
N SER D 8 16.41 -30.44 -15.81
CA SER D 8 17.19 -31.57 -15.35
C SER D 8 16.45 -32.88 -15.58
N ILE D 9 17.14 -34.00 -15.35
CA ILE D 9 16.58 -35.31 -15.60
C ILE D 9 15.62 -35.73 -14.48
N ALA D 10 15.88 -35.34 -13.23
CA ALA D 10 14.99 -35.72 -12.14
C ALA D 10 13.68 -34.93 -12.20
N GLN D 11 13.76 -33.64 -12.51
CA GLN D 11 12.54 -32.87 -12.64
C GLN D 11 11.75 -33.31 -13.86
N ALA D 12 12.42 -33.94 -14.84
CA ALA D 12 11.69 -34.42 -16.00
C ALA D 12 11.02 -35.75 -15.71
N ARG D 13 11.68 -36.62 -14.94
CA ARG D 13 11.01 -37.85 -14.56
C ARG D 13 9.82 -37.55 -13.66
N LYS D 14 9.95 -36.56 -12.79
CA LYS D 14 8.81 -36.23 -11.93
C LYS D 14 7.69 -35.57 -12.74
N LEU D 15 8.03 -34.76 -13.74
CA LEU D 15 6.99 -34.15 -14.55
C LEU D 15 6.27 -35.18 -15.41
N VAL D 16 6.99 -36.18 -15.89
CA VAL D 16 6.36 -37.19 -16.74
C VAL D 16 5.47 -38.09 -15.89
N GLU D 17 5.96 -38.54 -14.73
CA GLU D 17 5.11 -39.37 -13.88
C GLU D 17 3.89 -38.61 -13.38
N GLN D 18 4.03 -37.32 -13.09
CA GLN D 18 2.86 -36.52 -12.72
C GLN D 18 1.87 -36.40 -13.87
N LEU D 19 2.36 -36.18 -15.09
CA LEU D 19 1.45 -36.08 -16.23
C LEU D 19 0.80 -37.42 -16.57
N LYS D 20 1.50 -38.54 -16.36
CA LYS D 20 0.88 -39.83 -16.60
C LYS D 20 -0.19 -40.13 -15.55
N MET D 21 0.05 -39.69 -14.31
CA MET D 21 -0.98 -39.85 -13.28
C MET D 21 -2.20 -38.99 -13.60
N GLU D 22 -1.96 -37.76 -14.06
CA GLU D 22 -3.05 -36.83 -14.38
C GLU D 22 -3.78 -37.21 -15.66
N ALA D 23 -3.15 -38.01 -16.53
CA ALA D 23 -3.75 -38.35 -17.81
C ALA D 23 -4.85 -39.41 -17.67
N ASN D 24 -4.69 -40.36 -16.76
CA ASN D 24 -5.62 -41.46 -16.62
C ASN D 24 -6.80 -41.13 -15.72
N ILE D 25 -7.10 -39.85 -15.54
CA ILE D 25 -8.32 -39.44 -14.85
C ILE D 25 -9.50 -39.51 -15.80
N ASP D 26 -10.68 -39.72 -15.25
CA ASP D 26 -11.92 -39.80 -16.01
C ASP D 26 -12.72 -38.51 -15.87
N ARG D 27 -13.03 -37.87 -16.99
CA ARG D 27 -13.73 -36.59 -16.99
C ARG D 27 -15.16 -36.77 -17.46
N ILE D 28 -16.04 -35.92 -16.95
CA ILE D 28 -17.43 -35.92 -17.33
C ILE D 28 -17.66 -34.80 -18.34
N LYS D 29 -18.81 -34.83 -19.01
CA LYS D 29 -19.13 -33.78 -19.97
C LYS D 29 -19.37 -32.47 -19.25
N VAL D 30 -18.97 -31.37 -19.90
CA VAL D 30 -19.16 -30.05 -19.30
C VAL D 30 -20.63 -29.73 -19.12
N SER D 31 -21.48 -30.22 -20.02
CA SER D 31 -22.91 -30.00 -19.90
C SER D 31 -23.45 -30.53 -18.58
N LYS D 32 -22.99 -31.70 -18.14
CA LYS D 32 -23.46 -32.24 -16.88
C LYS D 32 -22.87 -31.52 -15.68
N ALA D 33 -21.60 -31.13 -15.76
CA ALA D 33 -21.01 -30.39 -14.65
C ALA D 33 -21.71 -29.05 -14.44
N ALA D 34 -22.08 -28.40 -15.55
CA ALA D 34 -22.82 -27.15 -15.41
C ALA D 34 -24.24 -27.39 -14.95
N ALA D 35 -24.84 -28.51 -15.35
CA ALA D 35 -26.20 -28.77 -14.89
C ALA D 35 -26.19 -29.06 -13.39
N ASP D 36 -25.11 -29.64 -12.90
CA ASP D 36 -24.98 -29.92 -11.47
C ASP D 36 -24.74 -28.65 -10.68
N LEU D 37 -23.93 -27.73 -11.21
CA LEU D 37 -23.77 -26.45 -10.52
C LEU D 37 -25.08 -25.69 -10.49
N MET D 38 -25.82 -25.68 -11.61
CA MET D 38 -27.10 -24.99 -11.63
C MET D 38 -28.10 -25.63 -10.68
N ALA D 39 -28.07 -26.95 -10.55
CA ALA D 39 -29.00 -27.60 -9.65
C ALA D 39 -28.66 -27.32 -8.19
N TYR D 40 -27.37 -27.34 -7.85
CA TYR D 40 -27.04 -27.04 -6.46
C TYR D 40 -27.29 -25.58 -6.14
N CYS D 41 -27.19 -24.70 -7.14
CA CYS D 41 -27.45 -23.29 -6.90
C CYS D 41 -28.92 -23.05 -6.61
N GLU D 42 -29.79 -23.43 -7.56
CA GLU D 42 -31.21 -23.18 -7.35
C GLU D 42 -31.84 -24.07 -6.29
N ALA D 43 -31.23 -25.20 -5.95
CA ALA D 43 -31.71 -26.03 -4.86
C ALA D 43 -31.50 -25.44 -3.47
N HIS D 44 -30.60 -24.48 -3.32
CA HIS D 44 -30.34 -23.84 -2.03
C HIS D 44 -30.57 -22.33 -2.03
N ALA D 45 -31.24 -21.79 -3.05
CA ALA D 45 -31.36 -20.35 -3.17
C ALA D 45 -32.14 -19.75 -2.01
N LYS D 46 -33.16 -20.44 -1.52
CA LYS D 46 -34.01 -19.88 -0.47
C LYS D 46 -33.35 -19.87 0.91
N GLU D 47 -32.17 -20.47 1.07
CA GLU D 47 -31.49 -20.49 2.35
C GLU D 47 -30.20 -19.67 2.34
N ASP D 48 -30.02 -18.82 1.34
CA ASP D 48 -28.81 -18.02 1.24
C ASP D 48 -29.12 -16.58 1.67
N PRO D 49 -28.75 -16.17 2.87
CA PRO D 49 -29.10 -14.82 3.31
C PRO D 49 -28.50 -13.71 2.48
N LEU D 50 -27.34 -13.93 1.87
CA LEU D 50 -26.72 -12.92 1.02
C LEU D 50 -27.41 -12.76 -0.32
N LEU D 51 -28.11 -13.79 -0.79
CA LEU D 51 -28.85 -13.71 -2.04
C LEU D 51 -30.27 -13.20 -1.83
N THR D 52 -31.05 -13.86 -0.98
CA THR D 52 -32.37 -13.38 -0.61
C THR D 52 -32.23 -12.65 0.72
N PRO D 53 -32.36 -11.33 0.76
CA PRO D 53 -32.11 -10.60 2.01
C PRO D 53 -33.12 -10.98 3.08
N VAL D 54 -32.60 -11.22 4.28
CA VAL D 54 -33.41 -11.58 5.45
C VAL D 54 -34.01 -10.32 6.07
N PRO D 55 -35.25 -10.37 6.53
CA PRO D 55 -35.84 -9.22 7.23
C PRO D 55 -34.97 -8.78 8.40
N ALA D 56 -34.97 -7.47 8.64
CA ALA D 56 -34.12 -6.90 9.68
C ALA D 56 -34.44 -7.43 11.06
N SER D 57 -35.59 -8.08 11.23
CA SER D 57 -35.92 -8.64 12.54
C SER D 57 -35.03 -9.83 12.83
N GLU D 58 -34.70 -10.63 11.81
CA GLU D 58 -33.90 -11.83 11.94
C GLU D 58 -32.47 -11.58 11.48
N ASN D 59 -32.07 -10.32 11.37
CA ASN D 59 -30.71 -9.97 10.97
C ASN D 59 -29.91 -9.72 12.23
N PRO D 60 -28.97 -10.59 12.59
CA PRO D 60 -28.20 -10.39 13.81
C PRO D 60 -27.27 -9.19 13.79
N PHE D 61 -27.02 -8.59 12.64
CA PHE D 61 -26.14 -7.44 12.58
C PHE D 61 -26.90 -6.13 12.51
N ARG D 62 -28.22 -6.15 12.49
CA ARG D 62 -29.03 -4.93 12.54
C ARG D 62 -29.75 -4.92 13.88
N GLU D 63 -29.21 -4.15 14.81
CA GLU D 63 -29.77 -3.99 16.15
C GLU D 63 -30.03 -5.32 16.84
N GLN E 23 -2.42 -22.13 -20.75
CA GLN E 23 -1.14 -22.26 -20.09
C GLN E 23 -0.10 -21.38 -20.75
N VAL E 24 0.46 -20.46 -19.98
CA VAL E 24 1.54 -19.62 -20.50
C VAL E 24 2.72 -20.49 -20.89
N GLN E 25 3.16 -20.37 -22.13
CA GLN E 25 4.39 -21.04 -22.55
C GLN E 25 5.06 -20.20 -23.63
N LEU E 26 6.39 -20.18 -23.56
CA LEU E 26 7.21 -19.34 -24.42
C LEU E 26 8.19 -20.23 -25.16
N GLN E 27 8.20 -20.15 -26.48
CA GLN E 27 9.10 -20.97 -27.28
C GLN E 27 10.08 -20.07 -28.01
N GLU E 28 11.36 -20.22 -27.72
CA GLU E 28 12.38 -19.48 -28.45
C GLU E 28 12.94 -20.38 -29.55
N SER E 29 13.48 -19.74 -30.58
CA SER E 29 14.02 -20.46 -31.72
C SER E 29 15.11 -19.63 -32.38
N GLY E 30 15.91 -20.30 -33.20
CA GLY E 30 17.12 -19.72 -33.74
C GLY E 30 18.31 -19.97 -32.84
N GLY E 31 19.48 -19.62 -33.34
CA GLY E 31 20.66 -19.73 -32.51
C GLY E 31 21.38 -21.05 -32.67
N GLY E 32 22.58 -20.99 -33.26
CA GLY E 32 23.41 -22.15 -33.44
C GLY E 32 24.88 -21.76 -33.47
N LEU E 33 25.76 -22.71 -33.78
CA LEU E 33 27.18 -22.40 -33.88
C LEU E 33 27.41 -21.35 -34.95
N VAL E 34 28.00 -20.23 -34.53
CA VAL E 34 28.26 -19.09 -35.41
C VAL E 34 29.63 -18.55 -35.05
N GLN E 35 30.49 -18.38 -36.05
CA GLN E 35 31.84 -17.87 -35.82
C GLN E 35 31.78 -16.45 -35.27
N PRO E 36 32.83 -16.03 -34.57
CA PRO E 36 32.88 -14.65 -34.05
C PRO E 36 32.64 -13.63 -35.16
N GLY E 37 32.01 -12.52 -34.79
CA GLY E 37 31.61 -11.54 -35.77
C GLY E 37 30.48 -11.95 -36.67
N GLY E 38 29.78 -13.03 -36.34
CA GLY E 38 28.70 -13.49 -37.20
C GLY E 38 27.41 -12.72 -37.00
N SER E 39 26.29 -13.43 -36.95
CA SER E 39 24.98 -12.82 -36.73
C SER E 39 23.98 -13.93 -36.44
N LEU E 40 22.89 -13.56 -35.77
CA LEU E 40 21.82 -14.48 -35.45
C LEU E 40 20.56 -13.69 -35.17
N ARG E 41 19.44 -14.39 -35.10
CA ARG E 41 18.17 -13.75 -34.76
C ARG E 41 17.32 -14.74 -33.98
N LEU E 42 17.07 -14.43 -32.72
CA LEU E 42 16.34 -15.34 -31.82
C LEU E 42 14.89 -14.90 -31.74
N SER E 43 13.98 -15.77 -32.18
CA SER E 43 12.56 -15.46 -32.23
C SER E 43 11.86 -16.15 -31.07
N CYS E 44 11.21 -15.37 -30.22
CA CYS E 44 10.51 -15.89 -29.05
C CYS E 44 9.01 -15.70 -29.28
N ALA E 45 8.30 -16.79 -29.46
CA ALA E 45 6.85 -16.80 -29.68
C ALA E 45 6.14 -17.19 -28.39
N ALA E 46 5.18 -16.38 -28.00
CA ALA E 46 4.45 -16.54 -26.75
C ALA E 46 3.06 -17.04 -27.03
N SER E 47 2.59 -18.00 -26.22
CA SER E 47 1.26 -18.53 -26.38
C SER E 47 0.68 -18.81 -25.00
N GLY E 48 -0.52 -18.30 -24.77
CA GLY E 48 -1.20 -18.57 -23.52
C GLY E 48 -1.59 -17.35 -22.73
N PHE E 49 -1.46 -16.17 -23.33
CA PHE E 49 -1.86 -14.95 -22.65
C PHE E 49 -2.04 -13.86 -23.70
N THR E 50 -2.21 -12.63 -23.24
CA THR E 50 -2.35 -11.46 -24.10
C THR E 50 -0.99 -10.80 -24.21
N PHE E 51 -0.39 -10.88 -25.40
CA PHE E 51 1.00 -10.48 -25.55
C PHE E 51 1.19 -9.00 -25.25
N SER E 52 0.20 -8.18 -25.59
CA SER E 52 0.39 -6.73 -25.54
C SER E 52 0.55 -6.20 -24.12
N ASN E 53 -0.02 -6.89 -23.14
CA ASN E 53 -0.06 -6.34 -21.79
C ASN E 53 1.25 -6.46 -21.04
N TYR E 54 2.12 -7.39 -21.45
CA TYR E 54 3.29 -7.77 -20.66
C TYR E 54 4.59 -7.18 -21.20
N LYS E 55 5.38 -6.61 -20.31
CA LYS E 55 6.74 -6.22 -20.65
C LYS E 55 7.60 -7.46 -20.87
N MET E 56 8.42 -7.44 -21.93
CA MET E 56 9.18 -8.64 -22.25
C MET E 56 10.68 -8.39 -22.09
N ASN E 57 11.42 -9.45 -21.73
CA ASN E 57 12.86 -9.36 -21.54
C ASN E 57 13.53 -10.54 -22.22
N TRP E 58 14.82 -10.39 -22.48
CA TRP E 58 15.69 -11.46 -22.94
C TRP E 58 16.74 -11.65 -21.85
N VAL E 59 16.73 -12.82 -21.23
CA VAL E 59 17.67 -13.18 -20.16
C VAL E 59 18.57 -14.29 -20.66
N ARG E 60 19.87 -14.04 -20.72
CA ARG E 60 20.84 -15.03 -21.15
C ARG E 60 21.67 -15.56 -19.99
N GLN E 61 22.05 -16.83 -20.08
CA GLN E 61 22.87 -17.50 -19.07
C GLN E 61 24.09 -18.09 -19.76
N ALA E 62 25.28 -17.56 -19.45
CA ALA E 62 26.51 -18.12 -19.99
C ALA E 62 26.97 -19.33 -19.17
N PRO E 63 27.67 -20.27 -19.80
CA PRO E 63 28.06 -21.50 -19.10
C PRO E 63 28.99 -21.21 -17.93
N GLY E 64 28.58 -21.67 -16.75
CA GLY E 64 29.39 -21.54 -15.57
C GLY E 64 29.09 -20.33 -14.72
N LYS E 65 28.12 -19.51 -15.11
CA LYS E 65 27.78 -18.31 -14.38
C LYS E 65 26.27 -18.24 -14.19
N GLY E 66 25.86 -17.43 -13.23
CA GLY E 66 24.45 -17.26 -12.95
C GLY E 66 23.70 -16.62 -14.10
N LEU E 67 22.40 -16.45 -13.90
CA LEU E 67 21.57 -15.83 -14.92
C LEU E 67 21.98 -14.38 -15.11
N GLU E 68 21.90 -13.92 -16.35
CA GLU E 68 22.26 -12.56 -16.72
C GLU E 68 21.12 -11.98 -17.54
N TRP E 69 20.85 -10.69 -17.38
CA TRP E 69 19.76 -10.05 -18.08
C TRP E 69 20.31 -9.29 -19.27
N VAL E 70 19.70 -9.48 -20.44
CA VAL E 70 20.26 -8.94 -21.67
C VAL E 70 19.49 -7.68 -22.08
N SER E 71 18.21 -7.82 -22.38
CA SER E 71 17.56 -6.60 -22.85
C SER E 71 16.06 -6.67 -22.62
N ASP E 72 15.43 -5.51 -22.42
CA ASP E 72 13.99 -5.49 -22.21
C ASP E 72 13.31 -4.51 -23.14
N ILE E 73 12.08 -4.85 -23.52
CA ILE E 73 11.24 -4.02 -24.37
C ILE E 73 9.88 -3.89 -23.68
N SER E 74 9.32 -2.69 -23.74
CA SER E 74 8.13 -2.38 -22.96
C SER E 74 6.87 -2.94 -23.63
N GLN E 75 5.72 -2.48 -23.15
CA GLN E 75 4.45 -3.09 -23.57
C GLN E 75 4.20 -2.96 -25.06
N SER E 76 4.73 -1.92 -25.70
CA SER E 76 4.45 -1.69 -27.11
C SER E 76 5.68 -1.31 -27.92
N GLY E 77 6.87 -1.68 -27.47
CA GLY E 77 8.08 -1.21 -28.10
C GLY E 77 8.36 0.26 -27.92
N ALA E 78 7.70 0.91 -26.97
CA ALA E 78 7.91 2.33 -26.75
C ALA E 78 9.30 2.60 -26.22
N SER E 79 9.63 2.01 -25.07
CA SER E 79 10.91 2.22 -24.41
C SER E 79 11.68 0.90 -24.37
N ILE E 80 12.90 0.91 -24.90
CA ILE E 80 13.75 -0.27 -24.92
C ILE E 80 14.98 0.00 -24.07
N SER E 81 15.57 -1.06 -23.52
CA SER E 81 16.78 -0.89 -22.74
C SER E 81 17.65 -2.14 -22.83
N TYR E 82 18.96 -1.94 -22.72
CA TYR E 82 19.93 -3.00 -22.95
C TYR E 82 20.90 -3.09 -21.78
N THR E 83 21.40 -4.29 -21.51
CA THR E 83 22.59 -4.40 -20.69
C THR E 83 23.76 -3.73 -21.41
N GLY E 84 24.73 -3.27 -20.64
CA GLY E 84 25.85 -2.56 -21.24
C GLY E 84 26.62 -3.38 -22.25
N SER E 85 26.88 -4.65 -21.94
CA SER E 85 27.75 -5.46 -22.79
C SER E 85 27.18 -5.66 -24.20
N VAL E 86 25.86 -5.69 -24.34
CA VAL E 86 25.25 -5.89 -25.65
C VAL E 86 24.70 -4.60 -26.23
N LYS E 87 25.05 -3.46 -25.64
CA LYS E 87 24.53 -2.21 -26.16
C LYS E 87 25.26 -1.85 -27.44
N GLY E 88 24.49 -1.41 -28.44
CA GLY E 88 25.06 -1.09 -29.73
C GLY E 88 25.29 -2.26 -30.64
N ARG E 89 25.05 -3.49 -30.18
CA ARG E 89 25.19 -4.68 -31.01
C ARG E 89 23.83 -5.31 -31.32
N PHE E 90 23.06 -5.66 -30.29
CA PHE E 90 21.80 -6.35 -30.50
C PHE E 90 20.64 -5.37 -30.57
N THR E 91 19.57 -5.80 -31.22
CA THR E 91 18.33 -5.05 -31.18
C THR E 91 17.22 -6.02 -30.77
N ILE E 92 16.11 -5.46 -30.29
CA ILE E 92 14.99 -6.26 -29.82
C ILE E 92 13.70 -5.63 -30.33
N SER E 93 12.92 -6.38 -31.07
CA SER E 93 11.71 -5.89 -31.71
C SER E 93 10.55 -6.73 -31.24
N ARG E 94 9.40 -6.10 -31.04
CA ARG E 94 8.18 -6.77 -30.63
C ARG E 94 7.10 -6.64 -31.69
N ASP E 95 6.49 -7.76 -32.07
CA ASP E 95 5.36 -7.74 -33.00
C ASP E 95 4.20 -8.39 -32.28
N ASN E 96 3.22 -7.58 -31.88
CA ASN E 96 2.03 -8.10 -31.20
C ASN E 96 1.09 -8.80 -32.16
N ALA E 97 1.13 -8.44 -33.45
CA ALA E 97 0.25 -9.05 -34.43
C ALA E 97 0.55 -10.54 -34.56
N LYS E 98 1.78 -10.87 -34.89
CA LYS E 98 2.20 -12.26 -34.96
C LYS E 98 2.50 -12.85 -33.60
N ASN E 99 2.39 -12.06 -32.53
CA ASN E 99 2.59 -12.54 -31.16
C ASN E 99 4.00 -13.13 -30.98
N THR E 100 5.01 -12.26 -31.10
CA THR E 100 6.39 -12.73 -30.96
C THR E 100 7.29 -11.52 -30.72
N LEU E 101 8.54 -11.79 -30.35
CA LEU E 101 9.58 -10.77 -30.32
C LEU E 101 10.90 -11.37 -30.79
N TYR E 102 11.74 -10.53 -31.38
CA TYR E 102 12.97 -10.98 -32.01
C TYR E 102 14.16 -10.23 -31.41
N LEU E 103 15.19 -10.96 -31.02
CA LEU E 103 16.49 -10.39 -30.66
C LEU E 103 17.44 -10.60 -31.83
N GLN E 104 17.69 -9.55 -32.59
CA GLN E 104 18.61 -9.61 -33.72
C GLN E 104 20.00 -9.28 -33.21
N MET E 105 20.87 -10.28 -33.16
CA MET E 105 22.25 -10.11 -32.71
C MET E 105 23.16 -10.00 -33.91
N ASN E 106 24.07 -9.03 -33.87
CA ASN E 106 25.10 -8.88 -34.89
C ASN E 106 26.44 -8.59 -34.21
N SER E 107 27.52 -8.98 -34.89
CA SER E 107 28.89 -8.82 -34.37
C SER E 107 29.10 -9.59 -33.08
N LEU E 108 28.66 -10.85 -33.08
CA LEU E 108 28.74 -11.68 -31.90
C LEU E 108 30.20 -11.90 -31.49
N LYS E 109 30.44 -11.83 -30.20
CA LYS E 109 31.75 -12.01 -29.58
C LYS E 109 31.89 -13.41 -29.02
N PRO E 110 33.10 -13.85 -28.71
CA PRO E 110 33.27 -15.20 -28.13
C PRO E 110 32.61 -15.37 -26.77
N GLU E 111 32.22 -14.28 -26.12
CA GLU E 111 31.58 -14.33 -24.81
C GLU E 111 30.06 -14.25 -24.86
N ASP E 112 29.47 -14.01 -26.04
CA ASP E 112 28.02 -14.09 -26.19
C ASP E 112 27.50 -15.51 -26.29
N THR E 113 28.33 -16.52 -26.02
CA THR E 113 27.86 -17.89 -26.03
C THR E 113 27.12 -18.17 -24.73
N ALA E 114 25.83 -18.47 -24.85
CA ALA E 114 24.97 -18.63 -23.68
C ALA E 114 23.61 -19.11 -24.13
N VAL E 115 22.87 -19.68 -23.20
CA VAL E 115 21.47 -19.98 -23.46
C VAL E 115 20.68 -18.69 -23.38
N TYR E 116 19.63 -18.54 -24.18
CA TYR E 116 18.90 -17.26 -24.22
C TYR E 116 17.41 -17.50 -23.96
N TYR E 117 17.02 -17.47 -22.70
CA TYR E 117 15.62 -17.51 -22.32
C TYR E 117 14.94 -16.18 -22.63
N CYS E 118 13.68 -16.24 -23.01
CA CYS E 118 12.91 -15.03 -23.30
C CYS E 118 11.84 -14.87 -22.25
N ALA E 119 12.13 -14.05 -21.26
CA ALA E 119 11.35 -14.00 -20.04
C ALA E 119 10.23 -12.97 -20.18
N ARG E 120 9.14 -13.21 -19.48
CA ARG E 120 8.05 -12.26 -19.37
C ARG E 120 7.94 -11.81 -17.93
N CYS E 121 7.70 -10.52 -17.73
CA CYS E 121 7.48 -10.05 -16.38
C CYS E 121 6.16 -10.62 -15.87
N PRO E 122 6.05 -10.87 -14.56
CA PRO E 122 4.96 -11.69 -14.05
C PRO E 122 3.62 -10.98 -13.87
N ALA E 123 3.53 -9.69 -14.17
CA ALA E 123 2.31 -8.95 -13.96
C ALA E 123 2.05 -8.10 -15.19
N PRO E 124 0.81 -8.02 -15.65
CA PRO E 124 0.49 -7.13 -16.77
C PRO E 124 0.30 -5.70 -16.29
N PHE E 125 0.31 -4.79 -17.26
CA PHE E 125 0.00 -3.37 -17.04
C PHE E 125 0.90 -2.72 -16.00
N THR E 126 2.16 -3.15 -15.90
CA THR E 126 3.07 -2.55 -14.94
C THR E 126 4.47 -2.49 -15.56
N ARG E 127 5.41 -1.88 -14.82
CA ARG E 127 6.73 -1.60 -15.34
C ARG E 127 7.88 -2.31 -14.63
N ASP E 128 7.60 -3.09 -13.60
CA ASP E 128 8.62 -3.76 -12.81
C ASP E 128 8.52 -5.27 -13.00
N CYS E 129 9.65 -5.95 -12.83
CA CYS E 129 9.63 -7.41 -12.79
C CYS E 129 10.92 -7.92 -12.16
N PHE E 130 10.87 -9.19 -11.73
CA PHE E 130 11.93 -9.81 -10.94
C PHE E 130 12.33 -11.17 -11.51
N ASP E 131 12.62 -11.21 -12.81
CA ASP E 131 12.70 -12.43 -13.58
C ASP E 131 14.11 -12.84 -13.99
N VAL E 132 15.11 -12.63 -13.14
CA VAL E 132 16.42 -13.19 -13.47
C VAL E 132 16.75 -14.28 -12.45
N THR E 133 15.70 -14.87 -11.88
CA THR E 133 15.84 -15.65 -10.66
C THR E 133 16.87 -16.76 -10.83
N SER E 134 17.46 -17.18 -9.71
CA SER E 134 18.61 -18.07 -9.76
C SER E 134 18.26 -19.41 -10.40
N THR E 135 17.21 -20.06 -9.93
CA THR E 135 16.88 -21.37 -10.48
C THR E 135 15.54 -21.40 -11.20
N THR E 136 14.44 -21.04 -10.57
CA THR E 136 13.12 -21.31 -11.12
C THR E 136 12.32 -20.03 -11.20
N TYR E 137 11.94 -19.65 -12.42
CA TYR E 137 10.93 -18.65 -12.68
C TYR E 137 9.93 -19.27 -13.63
N ALA E 138 8.65 -19.04 -13.37
CA ALA E 138 7.61 -19.84 -14.00
C ALA E 138 7.16 -19.31 -15.35
N TYR E 139 7.56 -18.09 -15.71
CA TYR E 139 7.09 -17.45 -16.93
C TYR E 139 8.25 -17.12 -17.85
N ARG E 140 9.22 -18.01 -17.98
CA ARG E 140 10.24 -17.89 -18.99
C ARG E 140 10.35 -19.19 -19.77
N GLY E 141 10.88 -19.08 -20.98
CA GLY E 141 10.84 -20.19 -21.90
C GLY E 141 11.86 -21.26 -21.56
N GLN E 142 12.45 -21.89 -22.58
CA GLN E 142 13.38 -22.98 -22.34
C GLN E 142 14.80 -22.70 -22.77
N GLY E 143 15.01 -21.90 -23.80
CA GLY E 143 16.37 -21.53 -24.12
C GLY E 143 16.80 -22.09 -25.47
N THR E 144 17.63 -21.31 -26.17
CA THR E 144 18.27 -21.73 -27.41
C THR E 144 19.76 -21.50 -27.25
N GLN E 145 20.51 -22.57 -27.01
CA GLN E 145 21.92 -22.41 -26.70
C GLN E 145 22.65 -21.82 -27.89
N VAL E 146 23.00 -20.54 -27.80
CA VAL E 146 23.79 -19.88 -28.83
C VAL E 146 25.25 -20.07 -28.47
N THR E 147 25.99 -20.76 -29.35
CA THR E 147 27.40 -21.04 -29.12
C THR E 147 28.23 -20.24 -30.10
N VAL E 148 29.31 -19.64 -29.60
CA VAL E 148 30.22 -18.86 -30.43
C VAL E 148 31.65 -19.21 -30.05
N SER E 149 32.40 -19.76 -30.99
CA SER E 149 33.80 -20.11 -30.78
C SER E 149 34.46 -20.23 -32.15
N SER E 150 35.78 -20.28 -32.14
CA SER E 150 36.54 -20.40 -33.38
C SER E 150 36.93 -21.85 -33.65
#